data_8VRS
#
_entry.id   8VRS
#
_cell.length_a   59.810
_cell.length_b   112.634
_cell.length_c   110.808
_cell.angle_alpha   90.000
_cell.angle_beta   101.253
_cell.angle_gamma   90.000
#
_symmetry.space_group_name_H-M   'P 1 21 1'
#
loop_
_entity.id
_entity.type
_entity.pdbx_description
1 polymer 'Maltose/maltodextrin-binding periplasmic protein,Mucin-16'
2 polymer '4H11 scFv chain'
3 water water
#
loop_
_entity_poly.entity_id
_entity_poly.type
_entity_poly.pdbx_seq_one_letter_code
_entity_poly.pdbx_strand_id
1 'polypeptide(L)'
;MKIEEGKLVIWINGDKGYNGLAEVGKKFEKDTGIKVTVEHPDKLEEKFPQVAATGDGPDIIFWAHDRFGGYAQSGLLAEI
TPDKAFQDKLYPFTWDAVRYNGKLIAYPIAVEALSLIYNKDLLPNPPKTWEEIPALDKELKAKGKSALMFNLQEPYFTWP
LIAADGGYAFKYENGKYDIKDVGVDNAGAKAGLTFLVDLIKNKHMNADTDYSIAEAAFNKGETAMTINGPWAWSNIDTSK
VNYGVTVLPTFKGQPSKPFVGVLSAGINAASPNKELAKEFLENYLLTDEGLEAVNKDKPLGAVALKSYEEELVKDPRIAA
TMENAQKGEIMPNIPQMSAFWYAVRTAVINAASGRQTVDEALKDAQTNSSSLQNFTLDRSSVLVDGYSPNRNEPLTG
;
A,B
2 'polypeptide(L)'
;DIELTQSPSSLAVSAGERVTMNCKSSQSLLNSRTRKNQLAWYQQKPGQSPELLIYWASTRQSGVPDRFSGSGSGTDFTLT
ISSVQAEDVAVYYCQQSYNLLTFGPGTKLEIKRGGGGSGGGGSGGGGSGGGGSGGGGSEVKLQESGGGFVKPGGSLRVSC
AASGFTFSSYAMSWVRLAPEMRLEWVATISSAGGYIFYSDSVQGRFTISRDNAKNSLHLQMGSLRSGDTAMYYCARQGFG
NYGDYYAMDYWGQGTTVTVSS
;
C,D
#
# COMPACT_ATOMS: atom_id res chain seq x y z
N MET A 1 32.73 0.01 6.08
CA MET A 1 33.55 0.55 7.16
C MET A 1 34.65 1.52 6.70
N LYS A 2 34.52 2.05 5.48
CA LYS A 2 35.48 3.04 5.02
C LYS A 2 34.76 4.23 4.38
N ILE A 3 35.11 5.44 4.82
CA ILE A 3 34.44 6.67 4.42
C ILE A 3 35.18 7.36 3.26
N GLU A 4 36.47 7.06 3.15
CA GLU A 4 37.38 7.56 2.09
C GLU A 4 37.91 8.97 2.36
N GLU A 5 39.22 9.04 2.58
CA GLU A 5 39.96 10.27 2.83
C GLU A 5 40.16 11.07 1.54
N GLY A 6 40.21 12.40 1.68
CA GLY A 6 40.44 13.29 0.55
C GLY A 6 39.22 13.67 -0.29
N LYS A 7 38.04 13.40 0.27
CA LYS A 7 36.78 13.57 -0.43
C LYS A 7 35.75 13.99 0.62
N LEU A 8 34.70 14.71 0.22
CA LEU A 8 33.60 15.00 1.14
C LEU A 8 32.31 14.43 0.57
N VAL A 9 31.63 13.62 1.37
CA VAL A 9 30.34 13.12 0.96
C VAL A 9 29.34 13.71 1.94
N ILE A 10 28.31 14.37 1.39
CA ILE A 10 27.32 15.10 2.18
C ILE A 10 25.93 14.51 1.98
N TRP A 11 25.20 14.29 3.07
CA TRP A 11 23.79 13.89 2.97
C TRP A 11 22.80 14.98 3.43
N ILE A 12 21.80 15.26 2.61
CA ILE A 12 20.77 16.25 2.90
C ILE A 12 19.44 15.79 2.29
N ASN A 13 18.34 16.13 2.93
CA ASN A 13 17.01 15.68 2.50
C ASN A 13 16.57 16.19 1.12
N GLY A 14 15.68 15.45 0.47
CA GLY A 14 15.30 15.76 -0.90
C GLY A 14 14.46 17.02 -1.09
N ASP A 15 13.77 17.48 -0.04
CA ASP A 15 12.96 18.70 -0.17
C ASP A 15 13.83 19.96 0.00
N LYS A 16 15.09 19.78 0.41
CA LYS A 16 16.01 20.92 0.55
C LYS A 16 16.77 21.09 -0.76
N GLY A 17 17.56 22.15 -0.87
CA GLY A 17 18.20 22.51 -2.12
C GLY A 17 19.55 21.86 -2.37
N TYR A 18 19.57 20.54 -2.54
CA TYR A 18 20.84 19.82 -2.70
C TYR A 18 21.68 20.20 -3.93
N ASN A 19 21.03 20.66 -5.02
CA ASN A 19 21.76 21.07 -6.22
C ASN A 19 22.48 22.38 -5.95
N GLY A 20 21.79 23.29 -5.27
CA GLY A 20 22.43 24.51 -4.81
C GLY A 20 23.60 24.22 -3.88
N LEU A 21 23.40 23.29 -2.95
CA LEU A 21 24.47 22.89 -2.04
C LEU A 21 25.61 22.22 -2.80
N ALA A 22 25.25 21.44 -3.82
CA ALA A 22 26.24 20.80 -4.65
C ALA A 22 27.09 21.84 -5.39
N GLU A 23 26.53 23.01 -5.72
CA GLU A 23 27.39 23.99 -6.39
C GLU A 23 28.34 24.69 -5.42
N VAL A 24 27.97 24.83 -4.15
CA VAL A 24 28.93 25.22 -3.11
C VAL A 24 30.03 24.16 -3.07
N GLY A 25 29.63 22.91 -3.30
CA GLY A 25 30.59 21.83 -3.34
C GLY A 25 31.64 22.02 -4.43
N LYS A 26 31.20 22.36 -5.63
CA LYS A 26 32.08 22.54 -6.79
C LYS A 26 33.01 23.73 -6.62
N LYS A 27 32.51 24.77 -5.96
CA LYS A 27 33.34 25.90 -5.62
C LYS A 27 34.43 25.48 -4.65
N PHE A 28 34.05 24.62 -3.70
CA PHE A 28 34.99 24.08 -2.74
C PHE A 28 36.05 23.28 -3.50
N GLU A 29 35.61 22.49 -4.49
CA GLU A 29 36.52 21.67 -5.27
C GLU A 29 37.57 22.49 -6.02
N LYS A 30 37.16 23.50 -6.78
CA LYS A 30 38.14 24.28 -7.56
C LYS A 30 39.10 25.06 -6.68
N ASP A 31 38.70 25.35 -5.45
CA ASP A 31 39.58 26.10 -4.54
C ASP A 31 40.61 25.20 -3.84
N THR A 32 40.23 23.95 -3.58
CA THR A 32 41.03 23.09 -2.73
C THR A 32 41.34 21.75 -3.39
N GLY A 33 40.65 21.43 -4.46
CA GLY A 33 40.87 20.15 -5.12
C GLY A 33 40.09 19.00 -4.52
N ILE A 34 39.47 19.25 -3.37
CA ILE A 34 38.67 18.22 -2.72
C ILE A 34 37.31 18.07 -3.39
N LYS A 35 36.99 16.86 -3.83
CA LYS A 35 35.69 16.58 -4.46
C LYS A 35 34.55 16.52 -3.42
N VAL A 36 33.44 17.18 -3.73
CA VAL A 36 32.29 17.17 -2.84
C VAL A 36 31.10 16.51 -3.53
N THR A 37 30.56 15.48 -2.90
CA THR A 37 29.41 14.76 -3.46
C THR A 37 28.21 14.90 -2.55
N VAL A 38 27.13 15.47 -3.09
CA VAL A 38 25.91 15.61 -2.32
C VAL A 38 24.94 14.52 -2.71
N GLU A 39 24.42 13.79 -1.73
CA GLU A 39 23.37 12.81 -1.98
C GLU A 39 22.15 13.06 -1.12
N HIS A 40 20.98 12.64 -1.60
CA HIS A 40 19.75 12.73 -0.81
C HIS A 40 19.08 11.38 -0.70
N PRO A 41 19.67 10.50 0.14
CA PRO A 41 19.05 9.20 0.38
C PRO A 41 17.67 9.39 0.99
N ASP A 42 16.72 8.50 0.70
CA ASP A 42 15.40 8.57 1.31
C ASP A 42 15.47 8.20 2.78
N LYS A 43 14.63 8.82 3.58
CA LYS A 43 14.58 8.55 5.00
C LYS A 43 15.97 8.69 5.62
N LEU A 44 16.73 9.71 5.22
CA LEU A 44 18.14 9.75 5.60
C LEU A 44 18.30 9.99 7.09
N GLU A 45 17.20 10.32 7.75
CA GLU A 45 17.20 10.56 9.19
C GLU A 45 17.33 9.22 9.91
N GLU A 46 16.96 8.17 9.20
CA GLU A 46 17.12 6.81 9.71
C GLU A 46 18.23 6.05 9.00
N LYS A 47 18.50 6.41 7.76
CA LYS A 47 19.58 5.80 7.02
C LYS A 47 20.91 6.16 7.68
N PHE A 48 21.04 7.40 8.14
CA PHE A 48 22.29 7.85 8.71
C PHE A 48 22.73 7.05 9.95
N PRO A 49 21.91 7.01 11.03
CA PRO A 49 22.40 6.29 12.21
C PRO A 49 22.55 4.80 11.96
N GLN A 50 21.84 4.30 10.95
CA GLN A 50 21.95 2.91 10.55
C GLN A 50 23.30 2.59 9.91
N VAL A 51 23.78 3.43 9.00
CA VAL A 51 25.07 3.15 8.36
C VAL A 51 26.24 3.66 9.22
N ALA A 52 26.02 4.72 10.00
CA ALA A 52 27.10 5.36 10.78
C ALA A 52 27.51 4.56 12.00
N ALA A 53 26.67 3.62 12.40
CA ALA A 53 26.90 2.78 13.58
C ALA A 53 28.15 1.91 13.41
N THR A 54 28.36 1.40 12.21
CA THR A 54 29.55 0.62 11.89
C THR A 54 30.63 1.49 11.23
N GLY A 55 30.47 2.80 11.32
CA GLY A 55 31.46 3.72 10.79
C GLY A 55 31.44 4.01 9.30
N ASP A 56 30.32 3.69 8.67
CA ASP A 56 30.11 4.06 7.27
C ASP A 56 29.34 5.38 7.20
N GLY A 57 28.93 5.75 5.99
CA GLY A 57 28.09 6.91 5.79
C GLY A 57 28.78 8.16 5.29
N PRO A 58 28.05 9.28 5.30
CA PRO A 58 28.55 10.53 4.75
C PRO A 58 29.49 11.22 5.73
N ASP A 59 30.26 12.19 5.25
CA ASP A 59 31.05 13.03 6.15
C ASP A 59 30.17 14.02 6.91
N ILE A 60 29.15 14.55 6.22
CA ILE A 60 28.29 15.56 6.78
C ILE A 60 26.83 15.15 6.61
N ILE A 61 26.07 15.31 7.67
CA ILE A 61 24.66 14.94 7.68
C ILE A 61 23.82 16.13 8.05
N PHE A 62 22.79 16.40 7.27
CA PHE A 62 21.88 17.50 7.57
C PHE A 62 20.56 16.97 8.08
N TRP A 63 20.09 17.53 9.20
CA TRP A 63 18.71 17.33 9.64
C TRP A 63 18.36 18.39 10.67
N ALA A 64 17.09 18.46 11.05
CA ALA A 64 16.69 19.34 12.14
C ALA A 64 17.42 18.83 13.37
N HIS A 65 17.73 19.75 14.29
CA HIS A 65 18.58 19.44 15.42
C HIS A 65 18.02 18.38 16.36
N ASP A 66 16.70 18.12 16.28
CA ASP A 66 16.03 17.25 17.25
C ASP A 66 16.62 15.84 17.27
N ARG A 67 17.14 15.39 16.14
CA ARG A 67 17.61 14.02 16.05
C ARG A 67 19.08 13.91 16.44
N PHE A 68 19.69 15.04 16.76
CA PHE A 68 21.14 15.09 16.88
C PHE A 68 21.60 14.77 18.29
N GLY A 69 20.76 15.01 19.28
CA GLY A 69 21.03 14.49 20.60
C GLY A 69 21.10 12.97 20.51
N GLY A 70 20.08 12.39 19.89
CA GLY A 70 20.05 10.96 19.66
C GLY A 70 21.28 10.40 18.96
N TYR A 71 21.75 11.06 17.90
CA TYR A 71 22.94 10.58 17.19
C TYR A 71 24.16 10.67 18.09
N ALA A 72 24.25 11.78 18.82
CA ALA A 72 25.40 12.07 19.65
C ALA A 72 25.57 11.06 20.77
N GLN A 73 24.48 10.72 21.46
CA GLN A 73 24.53 9.72 22.53
C GLN A 73 25.01 8.37 21.93
N SER A 74 24.63 8.10 20.69
CA SER A 74 25.04 6.87 20.00
C SER A 74 26.47 6.97 19.47
N GLY A 75 27.10 8.11 19.79
CA GLY A 75 28.47 8.36 19.40
C GLY A 75 28.72 8.58 17.91
N LEU A 76 27.67 8.74 17.13
CA LEU A 76 27.81 8.87 15.69
C LEU A 76 28.27 10.26 15.21
N LEU A 77 28.43 11.20 16.14
CA LEU A 77 28.73 12.58 15.78
C LEU A 77 30.03 13.11 16.40
N ALA A 78 30.79 13.87 15.63
CA ALA A 78 31.98 14.54 16.12
C ALA A 78 31.66 15.86 16.82
N GLU A 79 32.41 16.18 17.87
CA GLU A 79 32.30 17.52 18.46
C GLU A 79 32.90 18.53 17.49
N ILE A 80 32.13 19.54 17.12
CA ILE A 80 32.61 20.56 16.18
C ILE A 80 33.43 21.60 16.95
N THR A 81 34.35 22.29 16.28
CA THR A 81 35.26 23.21 16.97
C THR A 81 35.30 24.65 16.42
N PRO A 82 34.14 25.31 16.31
CA PRO A 82 34.22 26.68 15.81
C PRO A 82 34.77 27.60 16.89
N ASP A 83 35.64 28.54 16.52
CA ASP A 83 36.19 29.44 17.53
C ASP A 83 35.11 30.47 17.84
N LYS A 84 35.34 31.30 18.84
CA LYS A 84 34.35 32.31 19.22
C LYS A 84 33.99 33.24 18.06
N ALA A 85 34.97 33.51 17.19
CA ALA A 85 34.78 34.45 16.11
C ALA A 85 33.73 33.99 15.11
N PHE A 86 33.75 32.68 14.78
CA PHE A 86 32.75 32.16 13.88
C PHE A 86 31.39 32.04 14.57
N GLN A 87 31.40 31.65 15.84
CA GLN A 87 30.20 31.47 16.64
C GLN A 87 29.34 32.72 16.71
N ASP A 88 29.97 33.89 16.69
CA ASP A 88 29.29 35.18 16.74
C ASP A 88 28.59 35.56 15.45
N LYS A 89 28.93 34.89 14.34
CA LYS A 89 28.28 35.18 13.07
C LYS A 89 26.83 34.66 13.09
N LEU A 90 26.55 33.73 14.00
CA LEU A 90 25.25 33.08 14.09
C LEU A 90 24.48 33.49 15.36
N TYR A 91 23.15 33.43 15.26
CA TYR A 91 22.31 33.77 16.38
C TYR A 91 22.53 32.77 17.52
N PRO A 92 22.73 33.30 18.74
CA PRO A 92 23.03 32.47 19.90
C PRO A 92 22.01 31.35 20.12
N PHE A 93 20.71 31.61 19.91
CA PHE A 93 19.73 30.56 20.17
C PHE A 93 19.95 29.37 19.26
N THR A 94 20.56 29.55 18.09
CA THR A 94 20.78 28.38 17.22
C THR A 94 21.89 27.47 17.75
N TRP A 95 22.90 28.06 18.39
CA TRP A 95 23.96 27.27 19.02
C TRP A 95 23.36 26.48 20.18
N ASP A 96 22.45 27.09 20.93
CA ASP A 96 21.79 26.38 22.03
C ASP A 96 21.09 25.13 21.54
N ALA A 97 20.57 25.16 20.32
CA ALA A 97 19.92 23.98 19.76
C ALA A 97 20.90 22.88 19.36
N VAL A 98 22.16 23.23 19.12
CA VAL A 98 23.14 22.22 18.71
C VAL A 98 24.03 21.75 19.88
N ARG A 99 23.57 22.00 21.11
CA ARG A 99 24.29 21.52 22.30
C ARG A 99 23.81 20.14 22.77
N TYR A 100 24.76 19.36 23.29
CA TYR A 100 24.47 18.07 23.91
C TYR A 100 25.60 17.77 24.89
N ASN A 101 25.24 17.61 26.16
CA ASN A 101 26.22 17.52 27.25
C ASN A 101 27.18 18.69 27.19
N GLY A 102 26.64 19.90 27.00
CA GLY A 102 27.44 21.11 26.96
C GLY A 102 28.27 21.29 25.69
N LYS A 103 28.33 20.26 24.85
CA LYS A 103 29.18 20.28 23.67
C LYS A 103 28.41 20.58 22.39
N LEU A 104 29.01 21.40 21.53
CA LEU A 104 28.47 21.66 20.21
C LEU A 104 28.67 20.46 19.27
N ILE A 105 27.57 19.91 18.74
CA ILE A 105 27.64 18.71 17.89
C ILE A 105 27.18 18.88 16.45
N ALA A 106 26.89 20.12 16.05
CA ALA A 106 26.55 20.42 14.66
C ALA A 106 26.56 21.91 14.35
N TYR A 107 26.63 22.22 13.07
CA TYR A 107 26.58 23.59 12.64
C TYR A 107 25.13 23.90 12.29
N PRO A 108 24.56 24.93 12.93
CA PRO A 108 23.22 25.42 12.55
C PRO A 108 23.24 26.10 11.17
N ILE A 109 22.15 25.92 10.43
CA ILE A 109 22.06 26.46 9.09
C ILE A 109 20.79 27.33 8.96
N ALA A 110 19.64 26.70 9.12
CA ALA A 110 18.38 27.41 8.96
C ALA A 110 17.45 27.15 10.14
N VAL A 111 16.60 28.13 10.42
CA VAL A 111 15.57 28.00 11.43
C VAL A 111 14.23 27.71 10.75
N GLU A 112 13.64 26.55 11.02
CA GLU A 112 12.42 26.13 10.33
C GLU A 112 11.18 26.10 11.21
N ALA A 113 10.08 26.64 10.70
CA ALA A 113 8.77 26.53 11.34
C ALA A 113 7.68 26.58 10.26
N LEU A 114 6.60 25.86 10.50
CA LEU A 114 5.48 25.83 9.57
C LEU A 114 4.72 27.13 9.62
N SER A 115 4.24 27.58 8.46
CA SER A 115 3.37 28.73 8.38
C SER A 115 2.06 28.35 7.73
N LEU A 116 1.08 29.27 7.73
CA LEU A 116 -0.14 29.08 6.96
C LEU A 116 0.04 29.63 5.54
N ILE A 117 -0.08 28.75 4.54
CA ILE A 117 0.09 29.14 3.14
C ILE A 117 -1.28 29.14 2.47
N TYR A 118 -1.66 30.29 1.90
CA TYR A 118 -3.01 30.39 1.36
C TYR A 118 -3.02 30.85 -0.09
N ASN A 119 -4.06 30.43 -0.78
CA ASN A 119 -4.34 30.86 -2.13
C ASN A 119 -5.03 32.22 -2.07
N LYS A 120 -4.35 33.27 -2.52
CA LYS A 120 -4.85 34.64 -2.42
C LYS A 120 -6.12 34.86 -3.27
N ASP A 121 -6.19 34.16 -4.39
CA ASP A 121 -7.30 34.31 -5.30
C ASP A 121 -8.57 33.69 -4.71
N LEU A 122 -8.46 32.49 -4.14
CA LEU A 122 -9.62 31.85 -3.52
C LEU A 122 -10.03 32.48 -2.18
N LEU A 123 -9.08 33.12 -1.50
CA LEU A 123 -9.28 33.49 -0.11
C LEU A 123 -8.39 34.68 0.28
N PRO A 124 -8.85 35.90 -0.02
CA PRO A 124 -8.06 37.11 0.17
C PRO A 124 -7.80 37.39 1.65
N ASN A 125 -8.74 36.98 2.50
CA ASN A 125 -8.58 37.18 3.92
C ASN A 125 -8.61 35.86 4.66
N PRO A 126 -7.42 35.28 4.91
CA PRO A 126 -7.30 33.99 5.59
C PRO A 126 -7.76 34.06 7.04
N PRO A 127 -8.23 32.93 7.58
CA PRO A 127 -8.78 32.82 8.93
C PRO A 127 -7.77 33.12 10.03
N LYS A 128 -8.15 33.93 10.99
CA LYS A 128 -7.35 34.14 12.19
C LYS A 128 -7.39 32.91 13.10
N THR A 129 -8.47 32.14 13.01
CA THR A 129 -8.70 31.06 13.96
C THR A 129 -8.99 29.72 13.31
N TRP A 130 -8.65 28.67 14.04
CA TRP A 130 -8.98 27.32 13.65
C TRP A 130 -10.51 27.09 13.63
N GLU A 131 -11.21 27.71 14.59
CA GLU A 131 -12.66 27.52 14.75
C GLU A 131 -13.51 27.90 13.53
N GLU A 132 -13.07 28.89 12.75
CA GLU A 132 -13.87 29.35 11.62
C GLU A 132 -13.56 28.60 10.32
N ILE A 133 -12.67 27.62 10.37
CA ILE A 133 -12.34 26.83 9.18
C ILE A 133 -13.47 25.87 8.74
N PRO A 134 -14.18 25.22 9.68
CA PRO A 134 -15.26 24.34 9.18
C PRO A 134 -16.30 25.05 8.29
N ALA A 135 -16.79 26.22 8.73
CA ALA A 135 -17.74 27.01 7.95
C ALA A 135 -17.14 27.58 6.66
N LEU A 136 -15.83 27.80 6.67
CA LEU A 136 -15.13 28.34 5.50
C LEU A 136 -14.98 27.27 4.42
N ASP A 137 -14.94 26.01 4.86
CA ASP A 137 -14.92 24.88 3.93
C ASP A 137 -16.28 24.71 3.25
N LYS A 138 -17.37 24.87 4.02
CA LYS A 138 -18.73 24.69 3.46
C LYS A 138 -18.93 25.66 2.32
N GLU A 139 -18.60 26.92 2.57
CA GLU A 139 -18.58 27.95 1.53
C GLU A 139 -17.78 27.48 0.33
N LEU A 140 -16.54 27.09 0.58
CA LEU A 140 -15.65 26.71 -0.49
C LEU A 140 -16.08 25.43 -1.20
N LYS A 141 -16.77 24.55 -0.48
CA LYS A 141 -17.26 23.32 -1.10
C LYS A 141 -18.32 23.66 -2.16
N ALA A 142 -19.10 24.71 -1.88
CA ALA A 142 -20.13 25.17 -2.81
C ALA A 142 -19.57 25.53 -4.18
N LYS A 143 -18.31 25.93 -4.23
CA LYS A 143 -17.64 26.24 -5.48
C LYS A 143 -16.63 25.15 -5.89
N GLY A 144 -16.80 23.94 -5.36
CA GLY A 144 -15.97 22.82 -5.72
C GLY A 144 -14.55 22.87 -5.18
N LYS A 145 -14.35 23.60 -4.09
CA LYS A 145 -13.03 23.71 -3.45
C LYS A 145 -13.09 23.24 -1.99
N SER A 146 -11.93 23.05 -1.37
CA SER A 146 -11.89 22.81 0.09
C SER A 146 -11.13 23.95 0.78
N ALA A 147 -11.25 24.07 2.09
CA ALA A 147 -10.58 25.15 2.79
C ALA A 147 -9.13 24.76 3.14
N LEU A 148 -8.93 23.60 3.75
CA LEU A 148 -7.61 23.26 4.25
C LEU A 148 -7.24 21.81 3.95
N MET A 149 -5.99 21.62 3.54
CA MET A 149 -5.44 20.28 3.37
C MET A 149 -3.94 20.29 3.65
N PHE A 150 -3.54 19.55 4.68
CA PHE A 150 -2.12 19.41 4.99
C PHE A 150 -1.81 17.98 5.42
N ASN A 151 -0.54 17.69 5.59
CA ASN A 151 -0.03 16.35 5.88
C ASN A 151 -0.45 15.84 7.25
N LEU A 152 -1.21 14.74 7.30
CA LEU A 152 -1.59 14.19 8.60
C LEU A 152 -0.77 12.94 8.99
N GLN A 153 0.09 12.45 8.09
CA GLN A 153 0.90 11.25 8.36
C GLN A 153 2.15 11.53 9.18
N GLU A 154 2.48 12.81 9.32
CA GLU A 154 3.69 13.20 10.02
C GLU A 154 3.27 14.13 11.14
N PRO A 155 3.53 13.72 12.40
CA PRO A 155 3.01 14.46 13.55
C PRO A 155 3.55 15.88 13.62
N TYR A 156 4.66 16.13 12.93
CA TYR A 156 5.25 17.47 12.87
C TYR A 156 4.22 18.51 12.42
N PHE A 157 3.35 18.11 11.51
CA PHE A 157 2.38 19.05 10.92
C PHE A 157 1.16 19.24 11.78
N THR A 158 0.92 18.31 12.69
CA THR A 158 -0.30 18.30 13.50
C THR A 158 0.01 18.81 14.90
N TRP A 159 1.29 18.82 15.24
CA TRP A 159 1.74 19.29 16.57
C TRP A 159 1.34 20.73 16.89
N PRO A 160 1.44 21.67 15.92
CA PRO A 160 1.08 23.04 16.28
C PRO A 160 -0.34 23.21 16.85
N LEU A 161 -1.32 22.43 16.38
CA LEU A 161 -2.67 22.54 16.92
C LEU A 161 -2.75 21.86 18.29
N ILE A 162 -1.98 20.80 18.48
CA ILE A 162 -2.04 20.02 19.73
C ILE A 162 -1.47 20.80 20.93
N ALA A 163 -0.52 21.68 20.62
CA ALA A 163 0.26 22.34 21.65
C ALA A 163 -0.29 23.72 21.92
N ALA A 164 -1.16 24.16 21.01
CA ALA A 164 -1.71 25.51 21.07
C ALA A 164 -2.27 25.76 22.47
N ASP A 165 -3.05 24.79 22.95
CA ASP A 165 -3.76 24.91 24.22
C ASP A 165 -3.04 24.26 25.40
N GLY A 166 -1.78 23.87 25.22
CA GLY A 166 -1.05 23.32 26.35
C GLY A 166 -0.50 21.90 26.22
N GLY A 167 -0.78 21.23 25.11
CA GLY A 167 -0.07 19.99 24.86
C GLY A 167 1.43 20.26 24.81
N TYR A 168 2.24 19.38 25.39
CA TYR A 168 3.68 19.52 25.23
C TYR A 168 4.40 18.17 25.20
N ALA A 169 5.62 18.16 24.67
CA ALA A 169 6.38 16.94 24.61
C ALA A 169 6.98 16.62 25.99
N PHE A 170 8.18 17.14 26.26
CA PHE A 170 8.78 17.03 27.58
C PHE A 170 8.89 18.40 28.21
N LYS A 171 8.69 18.45 29.51
CA LYS A 171 8.69 19.70 30.23
C LYS A 171 10.11 20.22 30.42
N TYR A 172 10.32 21.49 30.12
CA TYR A 172 11.63 22.12 30.26
C TYR A 172 11.68 22.94 31.53
N GLU A 173 12.38 22.43 32.53
CA GLU A 173 12.45 23.07 33.83
C GLU A 173 13.89 23.21 34.27
N ASN A 174 14.21 24.39 34.83
CA ASN A 174 15.58 24.75 35.22
C ASN A 174 16.66 24.20 34.31
N GLY A 175 16.63 24.60 33.04
CA GLY A 175 17.71 24.26 32.13
C GLY A 175 17.76 22.81 31.68
N LYS A 176 16.78 22.02 32.10
CA LYS A 176 16.81 20.61 31.77
C LYS A 176 15.43 20.06 31.43
N TYR A 177 15.41 19.10 30.51
CA TYR A 177 14.20 18.37 30.21
C TYR A 177 13.96 17.30 31.28
N ASP A 178 12.71 17.19 31.69
CA ASP A 178 12.27 16.25 32.69
C ASP A 178 11.46 15.18 31.97
N ILE A 179 12.10 14.04 31.70
CA ILE A 179 11.46 13.06 30.82
C ILE A 179 10.39 12.24 31.51
N LYS A 180 10.06 12.60 32.76
CA LYS A 180 8.93 12.01 33.45
C LYS A 180 7.74 12.98 33.47
N ASP A 181 7.94 14.18 32.93
CA ASP A 181 6.84 15.13 32.79
C ASP A 181 6.49 15.26 31.32
N VAL A 182 5.54 14.44 30.89
CA VAL A 182 5.15 14.34 29.50
C VAL A 182 3.75 14.93 29.34
N GLY A 183 3.56 15.77 28.34
CA GLY A 183 2.27 16.42 28.16
C GLY A 183 1.46 16.09 26.90
N VAL A 184 1.51 14.85 26.43
CA VAL A 184 0.77 14.51 25.23
C VAL A 184 -0.64 14.03 25.65
N ASP A 185 -0.84 13.96 26.97
CA ASP A 185 -2.04 13.45 27.65
C ASP A 185 -2.95 14.54 28.17
N ASN A 186 -2.41 15.75 28.33
CA ASN A 186 -3.15 16.79 29.05
C ASN A 186 -4.36 17.31 28.23
N ALA A 187 -5.13 18.21 28.85
CA ALA A 187 -6.38 18.71 28.30
C ALA A 187 -6.18 19.55 27.03
N GLY A 188 -5.10 20.32 27.00
CA GLY A 188 -4.76 21.10 25.81
C GLY A 188 -4.49 20.23 24.59
N ALA A 189 -3.64 19.22 24.77
CA ALA A 189 -3.39 18.20 23.75
C ALA A 189 -4.69 17.58 23.23
N LYS A 190 -5.57 17.19 24.15
CA LYS A 190 -6.82 16.53 23.77
C LYS A 190 -7.76 17.49 23.04
N ALA A 191 -7.75 18.75 23.45
CA ALA A 191 -8.59 19.78 22.83
C ALA A 191 -8.22 20.01 21.37
N GLY A 192 -6.91 20.08 21.10
CA GLY A 192 -6.39 20.23 19.74
C GLY A 192 -6.69 19.05 18.83
N LEU A 193 -6.33 17.86 19.30
CA LEU A 193 -6.50 16.66 18.49
C LEU A 193 -7.98 16.34 18.29
N THR A 194 -8.82 16.65 19.28
CA THR A 194 -10.25 16.44 19.13
C THR A 194 -10.75 17.34 18.04
N PHE A 195 -10.24 18.57 18.04
CA PHE A 195 -10.64 19.51 17.02
C PHE A 195 -10.24 19.04 15.63
N LEU A 196 -9.06 18.45 15.51
CA LEU A 196 -8.60 17.97 14.20
C LEU A 196 -9.45 16.80 13.72
N VAL A 197 -9.82 15.95 14.66
CA VAL A 197 -10.63 14.77 14.35
C VAL A 197 -12.03 15.22 13.94
N ASP A 198 -12.59 16.18 14.67
CA ASP A 198 -13.92 16.71 14.33
C ASP A 198 -13.89 17.29 12.92
N LEU A 199 -12.76 17.90 12.54
CA LEU A 199 -12.58 18.37 11.18
C LEU A 199 -12.74 17.23 10.19
N ILE A 200 -12.18 16.07 10.54
CA ILE A 200 -12.23 14.89 9.66
C ILE A 200 -13.62 14.26 9.65
N LYS A 201 -14.26 14.20 10.82
CA LYS A 201 -15.60 13.63 10.94
C LYS A 201 -16.61 14.44 10.14
N ASN A 202 -16.48 15.75 10.17
CA ASN A 202 -17.40 16.62 9.43
C ASN A 202 -16.98 16.80 7.95
N LYS A 203 -16.27 15.81 7.41
CA LYS A 203 -15.89 15.80 5.99
C LYS A 203 -15.11 17.04 5.50
N HIS A 204 -14.38 17.70 6.39
CA HIS A 204 -13.59 18.89 6.04
C HIS A 204 -12.15 18.53 5.73
N MET A 205 -11.73 17.37 6.21
CA MET A 205 -10.41 16.82 5.89
C MET A 205 -10.50 15.30 5.74
N ASN A 206 -9.48 14.73 5.12
CA ASN A 206 -9.38 13.30 5.04
C ASN A 206 -8.19 12.77 5.85
N ALA A 207 -8.47 11.79 6.73
CA ALA A 207 -7.43 11.13 7.53
C ALA A 207 -6.41 10.65 6.55
N ASP A 208 -6.90 10.45 5.35
CA ASP A 208 -6.20 9.94 4.20
C ASP A 208 -5.03 10.83 3.76
N THR A 209 -5.05 12.09 4.19
CA THR A 209 -4.17 13.11 3.59
C THR A 209 -2.70 12.94 3.96
N ASP A 210 -1.82 12.98 2.96
CA ASP A 210 -0.39 12.95 3.23
C ASP A 210 0.28 14.15 2.54
N TYR A 211 1.61 14.20 2.55
CA TYR A 211 2.30 15.39 2.05
C TYR A 211 2.01 15.66 0.59
N SER A 212 2.16 14.64 -0.26
CA SER A 212 2.08 14.86 -1.70
C SER A 212 0.63 15.00 -2.15
N ILE A 213 -0.32 14.45 -1.40
CA ILE A 213 -1.73 14.69 -1.72
C ILE A 213 -2.03 16.17 -1.50
N ALA A 214 -1.74 16.66 -0.29
CA ALA A 214 -1.97 18.05 0.08
C ALA A 214 -1.21 19.04 -0.81
N GLU A 215 0.01 18.68 -1.22
CA GLU A 215 0.80 19.57 -2.06
C GLU A 215 0.15 19.80 -3.42
N ALA A 216 -0.16 18.70 -4.10
CA ALA A 216 -0.82 18.77 -5.40
C ALA A 216 -2.19 19.41 -5.25
N ALA A 217 -2.83 19.17 -4.13
CA ALA A 217 -4.13 19.76 -3.89
C ALA A 217 -3.98 21.27 -3.90
N PHE A 218 -2.97 21.77 -3.21
CA PHE A 218 -2.78 23.21 -3.13
C PHE A 218 -2.23 23.79 -4.43
N ASN A 219 -1.22 23.12 -4.98
CA ASN A 219 -0.57 23.65 -6.16
C ASN A 219 -1.48 23.59 -7.41
N LYS A 220 -2.46 22.69 -7.41
CA LYS A 220 -3.47 22.64 -8.49
C LYS A 220 -4.65 23.56 -8.18
N GLY A 221 -4.55 24.36 -7.12
CA GLY A 221 -5.59 25.31 -6.78
C GLY A 221 -6.94 24.76 -6.33
N GLU A 222 -6.95 23.58 -5.71
CA GLU A 222 -8.20 22.92 -5.34
C GLU A 222 -8.56 23.11 -3.87
N THR A 223 -7.59 23.52 -3.06
CA THR A 223 -7.81 23.81 -1.65
C THR A 223 -7.24 25.21 -1.37
N ALA A 224 -7.88 25.94 -0.45
CA ALA A 224 -7.57 27.36 -0.24
C ALA A 224 -6.37 27.60 0.64
N MET A 225 -6.04 26.60 1.45
CA MET A 225 -4.98 26.72 2.44
C MET A 225 -4.23 25.42 2.55
N THR A 226 -2.95 25.54 2.90
CA THR A 226 -2.13 24.40 3.26
C THR A 226 -1.23 24.78 4.45
N ILE A 227 -0.62 23.79 5.06
CA ILE A 227 0.30 24.06 6.17
C ILE A 227 1.64 23.42 5.80
N ASN A 228 2.67 24.23 5.68
CA ASN A 228 3.94 23.71 5.22
C ASN A 228 5.10 24.63 5.58
N GLY A 229 6.31 24.13 5.34
CA GLY A 229 7.53 24.88 5.59
C GLY A 229 8.07 25.49 4.31
N PRO A 230 9.10 26.34 4.43
CA PRO A 230 9.70 27.08 3.32
C PRO A 230 10.17 26.22 2.17
N TRP A 231 10.52 24.96 2.46
CA TRP A 231 10.95 24.03 1.42
C TRP A 231 9.84 23.90 0.39
N ALA A 232 8.60 23.89 0.85
CA ALA A 232 7.47 23.62 -0.03
C ALA A 232 7.24 24.76 -1.01
N TRP A 233 7.88 25.90 -0.79
CA TRP A 233 7.60 27.09 -1.58
C TRP A 233 7.97 27.00 -3.04
N SER A 234 9.06 26.30 -3.33
CA SER A 234 9.53 26.34 -4.70
C SER A 234 8.55 25.60 -5.64
N ASN A 235 7.90 24.56 -5.15
CA ASN A 235 6.92 23.87 -5.99
C ASN A 235 5.70 24.76 -6.14
N ILE A 236 5.33 25.49 -5.10
CA ILE A 236 4.24 26.45 -5.20
C ILE A 236 4.61 27.57 -6.15
N ASP A 237 5.89 27.95 -6.19
CA ASP A 237 6.37 29.04 -7.06
C ASP A 237 6.22 28.74 -8.54
N THR A 238 6.56 27.49 -8.91
CA THR A 238 6.54 27.06 -10.31
C THR A 238 5.11 26.87 -10.82
N SER A 239 4.31 26.04 -10.14
CA SER A 239 2.86 26.23 -10.13
C SER A 239 2.72 27.70 -9.97
N LYS A 240 1.87 28.41 -10.70
CA LYS A 240 1.85 29.83 -10.31
C LYS A 240 0.55 30.21 -9.64
N VAL A 241 0.23 29.47 -8.59
CA VAL A 241 -0.79 29.84 -7.63
C VAL A 241 -0.34 31.15 -6.99
N ASN A 242 -1.25 32.10 -6.89
CA ASN A 242 -0.95 33.35 -6.20
C ASN A 242 -1.08 33.06 -4.71
N TYR A 243 0.05 32.92 -4.03
CA TYR A 243 0.00 32.49 -2.65
C TYR A 243 0.64 33.47 -1.69
N GLY A 244 0.17 33.43 -0.45
CA GLY A 244 0.75 34.21 0.62
C GLY A 244 1.18 33.25 1.72
N VAL A 245 2.09 33.69 2.57
CA VAL A 245 2.53 32.91 3.72
C VAL A 245 2.26 33.76 4.96
N THR A 246 1.63 33.20 5.99
CA THR A 246 1.22 34.01 7.15
C THR A 246 1.10 33.22 8.43
N VAL A 247 0.63 33.89 9.49
CA VAL A 247 0.50 33.30 10.82
C VAL A 247 -0.44 32.10 10.77
N LEU A 248 -0.10 31.07 11.55
CA LEU A 248 -0.98 29.94 11.78
C LEU A 248 -2.18 30.40 12.59
N PRO A 249 -3.36 29.81 12.30
CA PRO A 249 -4.57 30.21 13.02
C PRO A 249 -4.47 29.96 14.52
N THR A 250 -5.19 30.73 15.29
CA THR A 250 -5.24 30.50 16.70
C THR A 250 -6.21 29.34 17.02
N PHE A 251 -6.04 28.73 18.19
CA PHE A 251 -6.98 27.75 18.70
C PHE A 251 -7.35 28.14 20.10
N LYS A 252 -8.65 28.33 20.35
CA LYS A 252 -9.13 28.72 21.68
C LYS A 252 -8.41 29.98 22.14
N GLY A 253 -8.16 30.89 21.18
CA GLY A 253 -7.54 32.17 21.43
C GLY A 253 -6.03 32.16 21.53
N GLN A 254 -5.45 30.97 21.65
CA GLN A 254 -4.01 30.78 21.70
C GLN A 254 -3.40 30.53 20.30
N PRO A 255 -2.17 31.02 20.07
CA PRO A 255 -1.47 30.76 18.80
C PRO A 255 -1.15 29.28 18.60
N SER A 256 -1.10 28.81 17.36
CA SER A 256 -0.58 27.47 17.15
C SER A 256 0.89 27.54 17.46
N LYS A 257 1.43 26.44 17.97
CA LYS A 257 2.78 26.46 18.49
C LYS A 257 3.65 25.46 17.77
N PRO A 258 4.11 25.79 16.56
CA PRO A 258 4.93 24.81 15.84
C PRO A 258 6.20 24.43 16.58
N PHE A 259 6.63 23.18 16.46
CA PHE A 259 7.96 22.78 16.90
C PHE A 259 8.99 23.38 15.92
N VAL A 260 9.85 24.27 16.42
CA VAL A 260 10.86 24.89 15.58
C VAL A 260 12.03 23.95 15.44
N GLY A 261 12.43 23.68 14.20
CA GLY A 261 13.61 22.86 13.94
C GLY A 261 14.78 23.65 13.39
N VAL A 262 15.95 23.53 14.02
CA VAL A 262 17.14 24.18 13.48
C VAL A 262 17.84 23.19 12.55
N LEU A 263 17.72 23.40 11.25
CA LEU A 263 18.41 22.58 10.26
C LEU A 263 19.92 22.67 10.49
N SER A 264 20.55 21.51 10.70
CA SER A 264 21.93 21.49 11.18
C SER A 264 22.82 20.55 10.38
N ALA A 265 24.12 20.83 10.41
CA ALA A 265 25.08 19.97 9.72
C ALA A 265 26.00 19.28 10.71
N GLY A 266 25.95 17.96 10.75
CA GLY A 266 26.76 17.21 11.68
C GLY A 266 27.91 16.57 10.97
N ILE A 267 29.03 16.43 11.68
CA ILE A 267 30.17 15.68 11.14
C ILE A 267 30.22 14.27 11.73
N ASN A 268 30.19 13.28 10.84
CA ASN A 268 30.29 11.88 11.23
C ASN A 268 31.50 11.67 12.14
N ALA A 269 31.29 10.95 13.23
CA ALA A 269 32.38 10.63 14.16
C ALA A 269 33.45 9.78 13.48
N ALA A 270 33.00 8.90 12.60
CA ALA A 270 33.86 7.95 11.90
C ALA A 270 34.57 8.56 10.68
N SER A 271 34.41 9.86 10.44
CA SER A 271 34.92 10.45 9.23
C SER A 271 36.42 10.78 9.35
N PRO A 272 37.20 10.48 8.30
CA PRO A 272 38.62 10.82 8.26
C PRO A 272 38.88 12.24 7.74
N ASN A 273 37.82 12.96 7.39
CA ASN A 273 37.94 14.30 6.81
C ASN A 273 37.34 15.43 7.67
N LYS A 274 37.44 15.30 8.98
CA LYS A 274 36.77 16.24 9.89
C LYS A 274 37.28 17.68 9.75
N GLU A 275 38.49 17.87 9.25
CA GLU A 275 38.99 19.23 9.07
C GLU A 275 38.45 19.82 7.78
N LEU A 276 38.43 19.01 6.72
CA LEU A 276 37.87 19.44 5.45
C LEU A 276 36.39 19.75 5.61
N ALA A 277 35.70 19.01 6.49
CA ALA A 277 34.29 19.29 6.74
C ALA A 277 34.08 20.63 7.49
N LYS A 278 34.90 20.87 8.52
CA LYS A 278 34.86 22.14 9.25
C LYS A 278 35.06 23.33 8.30
N GLU A 279 36.05 23.21 7.41
CA GLU A 279 36.40 24.26 6.44
C GLU A 279 35.32 24.54 5.40
N PHE A 280 34.74 23.46 4.85
CA PHE A 280 33.60 23.60 3.96
C PHE A 280 32.45 24.29 4.69
N LEU A 281 32.09 23.78 5.87
CA LEU A 281 30.95 24.31 6.62
C LEU A 281 31.20 25.75 7.07
N GLU A 282 32.37 26.01 7.63
CA GLU A 282 32.64 27.34 8.19
C GLU A 282 32.94 28.37 7.13
N ASN A 283 33.70 27.98 6.10
CA ASN A 283 34.22 28.97 5.18
C ASN A 283 33.50 29.01 3.85
N TYR A 284 32.69 28.02 3.54
CA TYR A 284 31.99 28.04 2.27
C TYR A 284 30.47 28.06 2.42
N LEU A 285 29.92 27.11 3.17
CA LEU A 285 28.47 27.01 3.25
C LEU A 285 27.88 28.16 4.08
N LEU A 286 28.43 28.37 5.27
CA LEU A 286 27.92 29.37 6.19
C LEU A 286 28.49 30.76 5.87
N THR A 287 28.36 31.12 4.60
CA THR A 287 28.68 32.45 4.11
C THR A 287 27.43 32.95 3.40
N ASP A 288 27.35 34.25 3.14
CA ASP A 288 26.21 34.81 2.43
C ASP A 288 26.01 34.10 1.10
N GLU A 289 27.10 33.93 0.37
CA GLU A 289 27.04 33.35 -0.96
C GLU A 289 26.69 31.86 -0.86
N GLY A 290 27.28 31.18 0.13
CA GLY A 290 27.03 29.78 0.36
C GLY A 290 25.56 29.49 0.56
N LEU A 291 24.96 30.18 1.53
CA LEU A 291 23.55 30.00 1.87
C LEU A 291 22.61 30.42 0.75
N GLU A 292 23.01 31.43 -0.02
CA GLU A 292 22.23 31.86 -1.17
C GLU A 292 22.19 30.84 -2.32
N ALA A 293 23.30 30.15 -2.57
CA ALA A 293 23.33 29.12 -3.60
C ALA A 293 22.30 28.04 -3.27
N VAL A 294 22.27 27.63 -2.01
CA VAL A 294 21.28 26.65 -1.56
C VAL A 294 19.89 27.25 -1.67
N ASN A 295 19.74 28.43 -1.08
CA ASN A 295 18.45 29.12 -1.06
C ASN A 295 17.80 29.33 -2.45
N LYS A 296 18.59 29.65 -3.49
CA LYS A 296 18.09 29.83 -4.86
C LYS A 296 17.59 28.54 -5.51
N ASP A 297 18.05 27.39 -5.02
CA ASP A 297 17.53 26.11 -5.49
C ASP A 297 16.19 25.85 -4.80
N LYS A 298 16.21 25.78 -3.46
CA LYS A 298 15.01 25.63 -2.64
C LYS A 298 15.14 26.52 -1.41
N PRO A 299 14.12 27.35 -1.13
CA PRO A 299 14.26 28.30 -0.01
C PRO A 299 14.55 27.61 1.33
N LEU A 300 15.47 28.17 2.10
CA LEU A 300 15.77 27.63 3.43
C LEU A 300 14.85 28.22 4.50
N GLY A 301 14.20 29.34 4.15
CA GLY A 301 13.46 30.11 5.13
C GLY A 301 14.34 31.09 5.89
N ALA A 302 14.19 31.10 7.20
CA ALA A 302 15.07 31.91 8.00
C ALA A 302 16.35 31.15 8.17
N VAL A 303 17.48 31.84 8.33
CA VAL A 303 18.75 31.14 8.47
C VAL A 303 19.48 31.51 9.77
N ALA A 304 20.37 30.62 10.24
CA ALA A 304 21.08 30.89 11.47
C ALA A 304 22.14 31.95 11.30
N LEU A 305 22.60 32.16 10.08
CA LEU A 305 23.68 33.11 9.81
C LEU A 305 23.13 34.55 9.77
N LYS A 306 23.58 35.40 10.71
CA LYS A 306 22.99 36.73 10.92
C LYS A 306 22.92 37.60 9.67
N SER A 307 24.05 37.70 8.96
CA SER A 307 24.18 38.61 7.82
C SER A 307 23.18 38.31 6.72
N TYR A 308 22.89 37.04 6.54
CA TYR A 308 22.01 36.64 5.47
C TYR A 308 20.54 36.65 5.92
N GLU A 309 20.30 36.33 7.20
CA GLU A 309 18.94 36.43 7.74
C GLU A 309 18.41 37.86 7.64
N GLU A 310 19.29 38.84 7.84
CA GLU A 310 18.87 40.24 7.78
C GLU A 310 18.41 40.60 6.38
N GLU A 311 18.99 39.98 5.38
CA GLU A 311 18.48 40.11 4.02
C GLU A 311 17.17 39.34 3.82
N LEU A 312 17.13 38.08 4.24
CA LEU A 312 15.96 37.22 4.01
C LEU A 312 14.70 37.68 4.74
N VAL A 313 14.86 38.21 5.95
CA VAL A 313 13.73 38.56 6.77
C VAL A 313 12.95 39.74 6.17
N LYS A 314 13.54 40.38 5.16
CA LYS A 314 12.85 41.43 4.42
C LYS A 314 11.68 40.84 3.60
N ASP A 315 11.80 39.58 3.21
CA ASP A 315 10.76 38.85 2.48
C ASP A 315 9.61 38.55 3.44
N PRO A 316 8.40 39.03 3.12
CA PRO A 316 7.27 38.81 4.03
C PRO A 316 7.03 37.34 4.37
N ARG A 317 7.46 36.43 3.50
CA ARG A 317 7.30 35.01 3.77
C ARG A 317 8.23 34.53 4.91
N ILE A 318 9.47 35.05 4.96
CA ILE A 318 10.41 34.72 6.02
C ILE A 318 10.01 35.42 7.34
N ALA A 319 9.48 36.63 7.22
CA ALA A 319 8.93 37.33 8.36
C ALA A 319 7.84 36.48 9.01
N ALA A 320 6.97 35.91 8.17
CA ALA A 320 5.94 35.00 8.64
C ALA A 320 6.55 33.78 9.30
N THR A 321 7.55 33.19 8.68
CA THR A 321 8.24 32.03 9.27
C THR A 321 8.76 32.37 10.67
N MET A 322 9.37 33.54 10.79
CA MET A 322 9.95 33.92 12.06
C MET A 322 8.87 34.15 13.09
N GLU A 323 7.79 34.82 12.68
CA GLU A 323 6.71 35.07 13.62
C GLU A 323 6.14 33.77 14.17
N ASN A 324 5.89 32.80 13.28
CA ASN A 324 5.42 31.48 13.68
C ASN A 324 6.47 30.77 14.54
N ALA A 325 7.74 30.94 14.18
CA ALA A 325 8.86 30.39 14.95
C ALA A 325 8.82 30.91 16.37
N GLN A 326 8.54 32.21 16.51
CA GLN A 326 8.57 32.86 17.82
C GLN A 326 7.39 32.45 18.66
N LYS A 327 6.31 31.97 18.02
CA LYS A 327 5.13 31.57 18.75
C LYS A 327 5.18 30.10 19.09
N GLY A 328 6.17 29.40 18.57
CA GLY A 328 6.33 27.99 18.88
C GLY A 328 7.42 27.76 19.90
N GLU A 329 7.87 26.52 20.00
CA GLU A 329 8.97 26.22 20.89
C GLU A 329 10.05 25.45 20.12
N ILE A 330 11.31 25.75 20.44
CA ILE A 330 12.40 25.01 19.87
C ILE A 330 12.32 23.59 20.39
N MET A 331 12.38 22.62 19.48
CA MET A 331 12.35 21.21 19.85
C MET A 331 13.46 20.82 20.81
N PRO A 332 13.19 19.81 21.65
CA PRO A 332 14.31 19.23 22.40
C PRO A 332 15.17 18.42 21.46
N ASN A 333 16.39 18.10 21.85
CA ASN A 333 17.16 17.18 21.07
C ASN A 333 17.49 15.90 21.81
N ILE A 334 16.99 15.79 23.06
CA ILE A 334 17.22 14.61 23.91
C ILE A 334 16.91 13.31 23.17
N PRO A 335 17.69 12.25 23.44
CA PRO A 335 17.57 10.98 22.71
C PRO A 335 16.14 10.42 22.61
N GLN A 336 15.33 10.69 23.62
CA GLN A 336 13.97 10.17 23.72
C GLN A 336 13.00 10.77 22.66
N MET A 337 13.44 11.80 21.95
CA MET A 337 12.58 12.46 20.96
C MET A 337 12.13 11.48 19.89
N SER A 338 12.97 10.50 19.63
CA SER A 338 12.67 9.46 18.66
C SER A 338 11.45 8.69 19.11
N ALA A 339 11.43 8.31 20.38
CA ALA A 339 10.33 7.52 20.91
C ALA A 339 9.05 8.32 20.83
N PHE A 340 9.16 9.58 21.24
CA PHE A 340 8.06 10.53 21.25
C PHE A 340 7.42 10.67 19.86
N TRP A 341 8.24 10.94 18.84
CA TRP A 341 7.73 11.14 17.50
C TRP A 341 6.93 9.92 17.03
N TYR A 342 7.49 8.73 17.20
CA TYR A 342 6.81 7.49 16.86
C TYR A 342 5.48 7.42 17.58
N ALA A 343 5.50 7.80 18.87
CA ALA A 343 4.31 7.76 19.73
C ALA A 343 3.20 8.68 19.23
N VAL A 344 3.53 9.96 19.05
CA VAL A 344 2.56 10.94 18.60
C VAL A 344 2.11 10.61 17.18
N ARG A 345 3.03 10.11 16.36
CA ARG A 345 2.69 9.75 14.98
C ARG A 345 1.58 8.73 14.98
N THR A 346 1.72 7.74 15.85
CA THR A 346 0.72 6.70 16.00
C THR A 346 -0.61 7.25 16.53
N ALA A 347 -0.54 8.05 17.59
CA ALA A 347 -1.73 8.68 18.16
C ALA A 347 -2.48 9.51 17.13
N VAL A 348 -1.77 10.35 16.40
CA VAL A 348 -2.41 11.21 15.42
C VAL A 348 -3.06 10.38 14.32
N ILE A 349 -2.37 9.35 13.83
CA ILE A 349 -2.95 8.54 12.77
C ILE A 349 -4.13 7.69 13.23
N ASN A 350 -4.03 7.06 14.39
CA ASN A 350 -5.12 6.22 14.88
C ASN A 350 -6.36 7.04 15.30
N ALA A 351 -6.16 8.17 15.96
CA ALA A 351 -7.30 9.01 16.32
C ALA A 351 -7.98 9.54 15.06
N ALA A 352 -7.18 9.97 14.09
CA ALA A 352 -7.70 10.58 12.88
C ALA A 352 -8.34 9.56 11.94
N SER A 353 -7.86 8.31 12.00
CA SER A 353 -8.35 7.28 11.10
C SER A 353 -9.56 6.60 11.69
N GLY A 354 -9.82 6.86 12.97
CA GLY A 354 -10.96 6.31 13.67
C GLY A 354 -10.68 5.07 14.50
N ARG A 355 -9.52 4.45 14.26
CA ARG A 355 -9.23 3.18 14.93
C ARG A 355 -9.07 3.36 16.44
N GLN A 356 -8.91 4.61 16.89
CA GLN A 356 -8.89 4.90 18.32
C GLN A 356 -9.62 6.21 18.61
N THR A 357 -10.15 6.31 19.81
CA THR A 357 -10.67 7.57 20.29
C THR A 357 -9.48 8.48 20.59
N VAL A 358 -9.72 9.78 20.63
CA VAL A 358 -8.68 10.73 21.02
C VAL A 358 -8.10 10.39 22.39
N ASP A 359 -8.97 10.06 23.35
CA ASP A 359 -8.52 9.75 24.71
C ASP A 359 -7.66 8.50 24.73
N GLU A 360 -8.05 7.48 23.96
CA GLU A 360 -7.26 6.25 23.90
C GLU A 360 -5.95 6.50 23.18
N ALA A 361 -6.01 7.23 22.06
CA ALA A 361 -4.83 7.43 21.22
C ALA A 361 -3.74 8.21 21.95
N LEU A 362 -4.13 9.22 22.73
CA LEU A 362 -3.14 10.06 23.42
C LEU A 362 -2.64 9.40 24.70
N LYS A 363 -3.48 8.59 25.33
CA LYS A 363 -3.10 7.84 26.52
C LYS A 363 -1.96 6.87 26.19
N ASP A 364 -2.11 6.18 25.07
CA ASP A 364 -1.09 5.31 24.51
C ASP A 364 0.19 6.08 24.23
N ALA A 365 0.05 7.20 23.53
CA ALA A 365 1.21 8.02 23.16
C ALA A 365 1.94 8.49 24.41
N GLN A 366 1.17 8.74 25.47
CA GLN A 366 1.73 9.15 26.76
C GLN A 366 2.40 8.00 27.51
N THR A 367 1.85 6.80 27.37
CA THR A 367 2.48 5.65 27.98
C THR A 367 3.82 5.40 27.26
N ASN A 368 3.75 5.34 25.93
CA ASN A 368 4.90 5.10 25.08
C ASN A 368 5.99 6.21 25.12
N SER A 369 5.74 7.31 25.83
CA SER A 369 6.69 8.43 25.92
C SER A 369 7.24 8.66 27.32
N SER A 370 6.73 7.94 28.31
CA SER A 370 6.99 8.34 29.70
C SER A 370 8.16 7.66 30.39
N SER A 371 8.03 6.38 30.72
CA SER A 371 9.04 5.69 31.51
C SER A 371 10.22 5.24 30.64
N LEU A 372 10.91 6.19 30.06
CA LEU A 372 11.98 5.91 29.08
C LEU A 372 13.35 6.00 29.75
N GLN A 373 13.55 5.19 30.81
CA GLN A 373 14.65 5.34 31.77
C GLN A 373 15.99 5.56 31.03
N ASN A 374 16.43 4.57 30.30
CA ASN A 374 17.60 4.71 29.50
C ASN A 374 17.23 4.17 28.15
N PHE A 375 16.29 4.86 27.54
CA PHE A 375 15.96 4.65 26.15
C PHE A 375 17.26 4.60 25.36
N THR A 376 17.33 3.67 24.41
CA THR A 376 18.61 3.34 23.78
C THR A 376 18.82 3.93 22.38
N LEU A 377 17.81 3.80 21.52
CA LEU A 377 17.78 4.25 20.09
C LEU A 377 18.13 3.10 19.13
N ASP A 378 19.34 2.56 19.22
CA ASP A 378 19.67 1.40 18.41
C ASP A 378 19.98 0.25 19.32
N ARG A 379 18.94 -0.45 19.77
CA ARG A 379 19.13 -1.60 20.65
C ARG A 379 19.48 -2.83 19.82
N SER A 380 20.67 -3.38 20.04
CA SER A 380 21.11 -4.54 19.27
C SER A 380 20.64 -5.87 19.84
N SER A 381 20.44 -5.91 21.16
CA SER A 381 20.15 -7.12 21.91
C SER A 381 21.07 -8.28 21.61
N VAL A 382 22.32 -7.95 21.29
CA VAL A 382 23.33 -8.95 20.97
C VAL A 382 24.60 -8.63 21.74
N LEU A 383 25.34 -9.66 22.13
CA LEU A 383 26.68 -9.48 22.68
C LEU A 383 27.69 -10.09 21.72
N VAL A 384 28.88 -9.49 21.67
CA VAL A 384 29.99 -9.98 20.85
C VAL A 384 31.16 -10.17 21.78
N ASP A 385 31.56 -11.42 22.00
CA ASP A 385 32.55 -11.73 23.02
C ASP A 385 32.19 -11.10 24.37
N GLY A 386 30.92 -11.16 24.74
CA GLY A 386 30.51 -10.70 26.05
C GLY A 386 30.35 -9.21 26.14
N TYR A 387 30.35 -8.52 25.00
CA TYR A 387 30.14 -7.09 25.04
C TYR A 387 29.23 -6.59 23.91
N SER A 388 28.48 -5.53 24.22
CA SER A 388 27.67 -4.85 23.24
C SER A 388 28.54 -4.21 22.17
N PRO A 389 28.03 -4.16 20.92
CA PRO A 389 28.62 -3.34 19.84
C PRO A 389 28.38 -1.83 20.06
N ASN A 390 29.40 -1.00 19.82
CA ASN A 390 29.42 0.41 20.27
C ASN A 390 29.07 0.56 21.75
N ASP B 1 0.80 2.73 -40.89
CA ASP B 1 0.63 2.62 -42.34
C ASP B 1 -0.18 3.76 -42.96
N ILE B 2 -0.71 4.64 -42.13
CA ILE B 2 -1.39 5.81 -42.67
C ILE B 2 -0.56 7.08 -42.47
N GLU B 3 -0.37 7.81 -43.55
CA GLU B 3 0.34 9.07 -43.48
C GLU B 3 -0.64 10.24 -43.41
N LEU B 4 -0.29 11.23 -42.61
CA LEU B 4 -1.06 12.46 -42.47
C LEU B 4 -0.15 13.65 -42.68
N THR B 5 -0.52 14.56 -43.57
CA THR B 5 0.25 15.80 -43.70
C THR B 5 -0.57 16.98 -43.23
N GLN B 6 0.06 17.95 -42.57
CA GLN B 6 -0.64 19.17 -42.18
C GLN B 6 0.06 20.40 -42.73
N SER B 7 -0.72 21.23 -43.41
CA SER B 7 -0.29 22.51 -43.96
C SER B 7 -1.19 23.65 -43.47
N PRO B 8 -0.60 24.79 -43.10
CA PRO B 8 0.83 25.09 -43.06
C PRO B 8 1.47 24.58 -41.79
N SER B 9 2.79 24.47 -41.75
CA SER B 9 3.46 23.96 -40.56
C SER B 9 3.49 25.04 -39.49
N SER B 10 3.46 26.29 -39.92
CA SER B 10 3.31 27.38 -38.96
C SER B 10 2.54 28.52 -39.61
N LEU B 11 2.19 29.53 -38.82
CA LEU B 11 1.20 30.53 -39.21
C LEU B 11 1.10 31.63 -38.17
N ALA B 12 1.26 32.88 -38.60
CA ALA B 12 1.16 34.01 -37.66
C ALA B 12 0.02 34.92 -38.08
N VAL B 13 -0.95 35.09 -37.20
CA VAL B 13 -2.13 35.90 -37.51
C VAL B 13 -2.37 36.95 -36.43
N SER B 14 -2.99 38.07 -36.81
CA SER B 14 -3.42 39.04 -35.82
C SER B 14 -4.76 38.59 -35.27
N ALA B 15 -5.08 39.03 -34.06
CA ALA B 15 -6.35 38.71 -33.45
C ALA B 15 -7.53 39.11 -34.36
N GLY B 16 -8.54 38.25 -34.38
CA GLY B 16 -9.72 38.49 -35.19
C GLY B 16 -9.75 37.87 -36.57
N GLU B 17 -8.58 37.56 -37.12
CA GLU B 17 -8.51 36.94 -38.45
C GLU B 17 -9.13 35.55 -38.43
N ARG B 18 -9.66 35.16 -39.56
CA ARG B 18 -10.18 33.83 -39.73
C ARG B 18 -9.05 32.91 -40.19
N VAL B 19 -9.01 31.70 -39.65
CA VAL B 19 -7.88 30.79 -39.90
C VAL B 19 -8.34 29.38 -40.26
N THR B 20 -7.78 28.83 -41.35
CA THR B 20 -8.07 27.45 -41.72
C THR B 20 -6.78 26.64 -41.71
N MET B 21 -6.85 25.45 -41.12
CA MET B 21 -5.73 24.54 -41.03
C MET B 21 -6.06 23.26 -41.78
N ASN B 22 -5.14 22.77 -42.58
CA ASN B 22 -5.45 21.61 -43.40
C ASN B 22 -4.87 20.31 -42.85
N CYS B 23 -5.56 19.20 -43.11
CA CYS B 23 -4.99 17.88 -42.84
C CYS B 23 -5.37 16.93 -43.99
N LYS B 24 -4.40 16.22 -44.53
CA LYS B 24 -4.62 15.32 -45.66
C LYS B 24 -4.18 13.92 -45.28
N SER B 25 -4.92 12.90 -45.66
CA SER B 25 -4.49 11.54 -45.32
C SER B 25 -4.29 10.70 -46.56
N SER B 26 -3.34 9.77 -46.46
CA SER B 26 -2.92 8.87 -47.53
C SER B 26 -4.06 7.97 -47.97
N GLN B 27 -5.08 7.87 -47.13
CA GLN B 27 -6.26 7.12 -47.48
C GLN B 27 -7.46 7.57 -46.69
N SER B 28 -8.64 7.32 -47.26
CA SER B 28 -9.91 7.61 -46.64
C SER B 28 -10.00 7.10 -45.21
N LEU B 29 -10.57 7.91 -44.31
CA LEU B 29 -10.71 7.51 -42.93
C LEU B 29 -12.15 7.17 -42.56
N LEU B 30 -13.00 6.87 -43.53
CA LEU B 30 -14.42 6.73 -43.23
C LEU B 30 -14.74 5.36 -42.65
N ASN B 31 -15.46 5.34 -41.55
CA ASN B 31 -15.92 4.12 -40.90
C ASN B 31 -17.12 3.54 -41.62
N SER B 32 -16.96 2.35 -42.22
CA SER B 32 -18.06 1.79 -43.00
C SER B 32 -19.31 1.48 -42.17
N ARG B 33 -19.15 1.33 -40.85
CA ARG B 33 -20.31 1.03 -40.00
C ARG B 33 -20.97 2.27 -39.36
N THR B 34 -20.17 3.13 -38.74
CA THR B 34 -20.75 4.31 -38.08
C THR B 34 -20.89 5.50 -39.03
N ARG B 35 -20.32 5.39 -40.24
CA ARG B 35 -20.28 6.46 -41.24
C ARG B 35 -19.62 7.74 -40.74
N LYS B 36 -18.87 7.65 -39.64
CA LYS B 36 -18.07 8.77 -39.18
C LYS B 36 -16.71 8.71 -39.84
N ASN B 37 -16.08 9.86 -40.04
CA ASN B 37 -14.69 9.90 -40.48
C ASN B 37 -13.78 9.86 -39.28
N GLN B 38 -12.85 8.92 -39.29
CA GLN B 38 -12.00 8.66 -38.15
C GLN B 38 -10.88 9.68 -38.01
N LEU B 39 -11.28 10.90 -37.69
CA LEU B 39 -10.35 12.00 -37.54
C LEU B 39 -10.71 12.91 -36.37
N ALA B 40 -9.71 13.28 -35.59
CA ALA B 40 -9.94 14.18 -34.47
C ALA B 40 -8.90 15.31 -34.50
N TRP B 41 -9.23 16.45 -33.89
CA TRP B 41 -8.31 17.60 -33.83
C TRP B 41 -7.99 17.91 -32.37
N TYR B 42 -6.72 18.18 -32.08
CA TYR B 42 -6.26 18.49 -30.73
C TYR B 42 -5.54 19.82 -30.71
N GLN B 43 -5.63 20.49 -29.58
CA GLN B 43 -4.99 21.79 -29.39
C GLN B 43 -3.98 21.61 -28.27
N GLN B 44 -2.72 21.94 -28.54
CA GLN B 44 -1.72 21.94 -27.47
C GLN B 44 -1.18 23.35 -27.24
N LYS B 45 -1.60 23.93 -26.14
CA LYS B 45 -1.20 25.25 -25.76
C LYS B 45 0.20 25.20 -25.17
N PRO B 46 0.94 26.30 -25.32
CA PRO B 46 2.30 26.32 -24.81
C PRO B 46 2.27 25.99 -23.33
N GLY B 47 3.07 25.01 -22.93
CA GLY B 47 3.17 24.65 -21.53
C GLY B 47 2.12 23.72 -20.96
N GLN B 48 1.22 23.21 -21.80
CA GLN B 48 0.15 22.36 -21.31
C GLN B 48 0.00 21.07 -22.12
N SER B 49 -0.83 20.17 -21.59
CA SER B 49 -1.19 18.94 -22.30
C SER B 49 -2.12 19.24 -23.45
N PRO B 50 -2.07 18.41 -24.50
CA PRO B 50 -3.06 18.55 -25.57
C PRO B 50 -4.47 18.41 -25.00
N GLU B 51 -5.45 19.05 -25.63
CA GLU B 51 -6.86 18.75 -25.36
C GLU B 51 -7.64 18.50 -26.64
N LEU B 52 -8.70 17.72 -26.50
CA LEU B 52 -9.57 17.39 -27.61
C LEU B 52 -10.43 18.59 -27.99
N LEU B 53 -10.44 18.92 -29.28
CA LEU B 53 -11.27 19.97 -29.85
C LEU B 53 -12.44 19.37 -30.61
N ILE B 54 -12.09 18.51 -31.56
CA ILE B 54 -13.01 17.95 -32.54
C ILE B 54 -12.83 16.44 -32.63
N TYR B 55 -13.91 15.68 -32.84
CA TYR B 55 -13.78 14.25 -33.19
C TYR B 55 -14.88 13.83 -34.16
N TRP B 56 -14.70 12.68 -34.82
CA TRP B 56 -15.55 12.33 -35.96
C TRP B 56 -15.51 13.47 -37.02
N ALA B 57 -14.33 14.05 -37.24
CA ALA B 57 -14.10 15.14 -38.24
C ALA B 57 -14.79 16.48 -37.91
N SER B 58 -16.04 16.45 -37.46
CA SER B 58 -16.84 17.67 -37.38
C SER B 58 -17.60 17.87 -36.07
N THR B 59 -17.49 16.94 -35.14
CA THR B 59 -18.20 17.08 -33.88
C THR B 59 -17.31 17.77 -32.88
N ARG B 60 -17.83 18.86 -32.33
CA ARG B 60 -17.09 19.61 -31.35
C ARG B 60 -17.19 18.93 -30.01
N GLN B 61 -16.05 18.80 -29.34
CA GLN B 61 -16.10 18.31 -27.97
C GLN B 61 -16.79 19.34 -27.07
N SER B 62 -17.44 18.85 -26.03
CA SER B 62 -18.00 19.68 -24.98
C SER B 62 -17.04 20.72 -24.39
N GLY B 63 -17.52 21.96 -24.26
CA GLY B 63 -16.72 23.01 -23.67
C GLY B 63 -15.97 23.81 -24.73
N VAL B 64 -15.86 23.26 -25.93
CA VAL B 64 -15.07 23.92 -26.96
C VAL B 64 -15.92 25.03 -27.60
N PRO B 65 -15.36 26.25 -27.63
CA PRO B 65 -16.00 27.43 -28.22
C PRO B 65 -16.34 27.25 -29.69
N ASP B 66 -17.43 27.86 -30.17
CA ASP B 66 -17.92 27.56 -31.51
C ASP B 66 -17.17 28.29 -32.62
N ARG B 67 -16.17 29.09 -32.29
CA ARG B 67 -15.35 29.61 -33.36
C ARG B 67 -14.53 28.48 -33.97
N PHE B 68 -14.35 27.39 -33.23
CA PHE B 68 -13.69 26.19 -33.75
C PHE B 68 -14.69 25.31 -34.50
N SER B 69 -14.25 24.80 -35.64
CA SER B 69 -15.15 24.21 -36.58
C SER B 69 -14.40 23.15 -37.34
N GLY B 70 -14.90 21.92 -37.32
CA GLY B 70 -14.25 20.86 -38.08
C GLY B 70 -15.04 20.45 -39.29
N SER B 71 -14.36 20.28 -40.41
CA SER B 71 -15.01 19.92 -41.67
C SER B 71 -14.16 18.97 -42.49
N GLY B 72 -14.76 18.38 -43.52
CA GLY B 72 -14.00 17.56 -44.41
C GLY B 72 -14.56 16.17 -44.57
N SER B 73 -14.07 15.47 -45.58
CA SER B 73 -14.56 14.16 -45.90
C SER B 73 -13.48 13.48 -46.72
N GLY B 74 -13.52 12.15 -46.77
CA GLY B 74 -12.59 11.39 -47.61
C GLY B 74 -11.17 11.39 -47.09
N THR B 75 -10.31 12.11 -47.78
CA THR B 75 -8.91 12.27 -47.37
C THR B 75 -8.59 13.72 -47.01
N ASP B 76 -9.55 14.62 -47.14
CA ASP B 76 -9.25 16.05 -46.97
C ASP B 76 -10.05 16.69 -45.85
N PHE B 77 -9.34 17.11 -44.81
CA PHE B 77 -9.96 17.65 -43.59
C PHE B 77 -9.35 18.98 -43.23
N THR B 78 -10.15 19.80 -42.59
CA THR B 78 -9.81 21.18 -42.29
C THR B 78 -10.28 21.57 -40.89
N LEU B 79 -9.47 22.32 -40.13
CA LEU B 79 -9.98 22.95 -38.92
C LEU B 79 -10.03 24.46 -39.10
N THR B 80 -11.20 25.04 -38.81
CA THR B 80 -11.41 26.46 -38.98
C THR B 80 -11.64 27.14 -37.65
N ILE B 81 -10.85 28.17 -37.41
CA ILE B 81 -11.11 29.14 -36.36
C ILE B 81 -11.70 30.39 -37.04
N SER B 82 -12.99 30.63 -36.88
CA SER B 82 -13.57 31.87 -37.38
C SER B 82 -13.22 32.99 -36.42
N SER B 83 -12.35 33.91 -36.80
CA SER B 83 -11.96 35.02 -35.92
C SER B 83 -11.17 34.51 -34.69
N VAL B 84 -9.84 34.46 -34.84
CA VAL B 84 -8.96 33.92 -33.82
C VAL B 84 -8.85 34.81 -32.59
N GLN B 85 -8.46 34.25 -31.46
CA GLN B 85 -8.27 35.01 -30.24
C GLN B 85 -6.91 34.72 -29.65
N ALA B 86 -6.50 35.56 -28.70
CA ALA B 86 -5.17 35.46 -28.11
C ALA B 86 -4.92 34.11 -27.46
N GLU B 87 -5.95 33.57 -26.81
CA GLU B 87 -5.79 32.31 -26.11
C GLU B 87 -5.72 31.11 -27.09
N ASP B 88 -5.66 31.38 -28.40
CA ASP B 88 -5.62 30.30 -29.38
C ASP B 88 -4.23 29.94 -29.82
N VAL B 89 -3.22 30.63 -29.31
CA VAL B 89 -1.84 30.22 -29.59
C VAL B 89 -1.65 28.79 -29.14
N ALA B 90 -1.33 27.94 -30.11
CA ALA B 90 -1.20 26.52 -29.85
C ALA B 90 -0.64 25.82 -31.07
N VAL B 91 -0.15 24.60 -30.89
CA VAL B 91 0.07 23.76 -32.04
C VAL B 91 -1.20 22.93 -32.23
N TYR B 92 -1.67 22.83 -33.46
CA TYR B 92 -2.87 22.07 -33.70
C TYR B 92 -2.55 20.79 -34.46
N TYR B 93 -3.02 19.65 -33.93
CA TYR B 93 -2.78 18.33 -34.51
C TYR B 93 -4.05 17.63 -34.97
N CYS B 94 -4.07 17.18 -36.22
CA CYS B 94 -5.04 16.17 -36.60
C CYS B 94 -4.58 14.78 -36.15
N GLN B 95 -5.53 13.92 -35.85
CA GLN B 95 -5.28 12.54 -35.48
C GLN B 95 -6.20 11.57 -36.23
N GLN B 96 -5.62 10.57 -36.91
CA GLN B 96 -6.42 9.56 -37.58
C GLN B 96 -6.60 8.37 -36.63
N SER B 97 -7.74 7.70 -36.75
CA SER B 97 -8.09 6.59 -35.86
C SER B 97 -8.72 5.48 -36.69
N TYR B 98 -8.47 5.50 -38.00
CA TYR B 98 -9.01 4.51 -38.91
C TYR B 98 -8.24 3.19 -38.80
N ASN B 99 -6.93 3.30 -38.61
CA ASN B 99 -6.05 2.16 -38.45
C ASN B 99 -5.05 2.48 -37.36
N LEU B 100 -5.27 1.94 -36.17
CA LEU B 100 -4.53 2.33 -34.98
C LEU B 100 -4.67 3.85 -34.76
N LEU B 101 -3.58 4.52 -34.42
CA LEU B 101 -3.63 5.95 -34.11
C LEU B 101 -2.41 6.63 -34.68
N THR B 102 -2.61 7.73 -35.38
CA THR B 102 -1.50 8.56 -35.88
C THR B 102 -1.83 10.03 -35.73
N PHE B 103 -0.92 10.80 -35.13
CA PHE B 103 -1.11 12.24 -35.10
C PHE B 103 -0.47 12.86 -36.35
N GLY B 104 -1.02 13.94 -36.85
CA GLY B 104 -0.41 14.67 -37.94
C GLY B 104 0.82 15.37 -37.44
N PRO B 105 1.53 16.04 -38.34
CA PRO B 105 2.78 16.70 -37.94
C PRO B 105 2.56 18.01 -37.19
N GLY B 106 1.34 18.56 -37.22
CA GLY B 106 1.06 19.76 -36.45
C GLY B 106 1.20 21.08 -37.19
N THR B 107 0.36 22.04 -36.77
CA THR B 107 0.37 23.39 -37.30
C THR B 107 0.60 24.39 -36.17
N LYS B 108 1.74 25.05 -36.15
CA LYS B 108 1.98 26.02 -35.08
C LYS B 108 1.26 27.30 -35.42
N LEU B 109 0.37 27.74 -34.53
CA LEU B 109 -0.38 28.98 -34.78
C LEU B 109 0.06 30.03 -33.78
N GLU B 110 0.65 31.13 -34.26
CA GLU B 110 1.08 32.19 -33.36
C GLU B 110 0.27 33.48 -33.61
N ILE B 111 0.20 34.34 -32.60
CA ILE B 111 -0.50 35.62 -32.72
C ILE B 111 0.39 36.82 -32.55
N LYS B 112 0.25 37.76 -33.49
CA LYS B 112 0.85 39.07 -33.41
C LYS B 112 -0.26 40.11 -33.27
N ARG B 113 0.03 41.23 -32.63
CA ARG B 113 -0.97 42.28 -32.54
C ARG B 113 -1.47 42.78 -33.92
N GLU B 139 -14.00 16.72 -12.11
CA GLU B 139 -13.24 15.92 -11.15
C GLU B 139 -12.40 14.80 -11.81
N VAL B 140 -12.48 14.71 -13.14
CA VAL B 140 -11.70 13.73 -13.88
C VAL B 140 -10.21 14.09 -13.82
N LYS B 141 -9.39 13.22 -13.23
CA LYS B 141 -7.94 13.51 -13.14
C LYS B 141 -7.06 12.37 -13.62
N LEU B 142 -5.91 12.73 -14.17
CA LEU B 142 -4.93 11.77 -14.66
C LEU B 142 -3.63 12.37 -14.26
N GLN B 143 -2.92 11.73 -13.34
CA GLN B 143 -1.64 12.27 -12.91
C GLN B 143 -0.47 11.29 -13.15
N GLU B 144 0.50 11.74 -13.94
CA GLU B 144 1.67 10.92 -14.22
C GLU B 144 2.70 11.06 -13.13
N SER B 145 3.64 10.12 -13.14
CA SER B 145 4.77 10.10 -12.23
C SER B 145 5.78 9.13 -12.82
N GLY B 146 7.06 9.37 -12.55
CA GLY B 146 8.10 8.39 -12.84
C GLY B 146 8.98 8.64 -14.05
N GLY B 147 9.01 9.87 -14.51
CA GLY B 147 9.91 10.19 -15.60
C GLY B 147 11.21 10.57 -14.96
N GLY B 148 12.27 10.61 -15.74
CA GLY B 148 13.54 11.00 -15.21
C GLY B 148 14.62 10.75 -16.22
N PHE B 149 15.86 10.70 -15.76
CA PHE B 149 16.98 10.39 -16.63
C PHE B 149 17.24 8.89 -16.62
N VAL B 150 17.67 8.36 -17.77
CA VAL B 150 18.32 7.07 -17.83
C VAL B 150 19.34 7.14 -18.93
N LYS B 151 20.43 6.39 -18.80
CA LYS B 151 21.31 6.18 -19.95
C LYS B 151 20.72 4.99 -20.73
N PRO B 152 21.03 4.91 -22.03
CA PRO B 152 20.66 3.74 -22.83
C PRO B 152 21.07 2.41 -22.18
N GLY B 153 20.23 1.39 -22.38
CA GLY B 153 20.45 0.11 -21.74
C GLY B 153 19.89 0.12 -20.34
N GLY B 154 19.19 1.20 -20.01
CA GLY B 154 18.52 1.30 -18.73
C GLY B 154 17.06 0.89 -18.86
N SER B 155 16.31 1.11 -17.79
CA SER B 155 14.90 0.73 -17.74
C SER B 155 14.13 1.78 -16.95
N LEU B 156 12.86 2.01 -17.27
CA LEU B 156 12.03 2.87 -16.45
C LEU B 156 10.54 2.59 -16.62
N ARG B 157 9.78 2.83 -15.56
CA ARG B 157 8.34 2.65 -15.62
C ARG B 157 7.66 3.96 -15.25
N VAL B 158 7.01 4.58 -16.25
CA VAL B 158 6.14 5.74 -15.99
C VAL B 158 4.73 5.25 -15.57
N SER B 159 4.08 6.02 -14.71
CA SER B 159 2.74 5.67 -14.22
C SER B 159 1.77 6.81 -14.39
N CYS B 160 0.50 6.49 -14.21
CA CYS B 160 -0.58 7.45 -14.40
C CYS B 160 -1.70 7.03 -13.48
N ALA B 161 -2.02 7.89 -12.53
CA ALA B 161 -3.05 7.62 -11.55
C ALA B 161 -4.34 8.30 -11.98
N ALA B 162 -5.43 7.56 -11.96
CA ALA B 162 -6.69 8.07 -12.48
C ALA B 162 -7.72 8.30 -11.37
N SER B 163 -8.53 9.35 -11.50
CA SER B 163 -9.59 9.60 -10.52
C SER B 163 -10.78 10.35 -11.14
N GLY B 164 -11.96 10.16 -10.57
CA GLY B 164 -13.11 10.95 -10.98
C GLY B 164 -13.94 10.32 -12.08
N PHE B 165 -13.70 9.06 -12.37
CA PHE B 165 -14.46 8.36 -13.39
C PHE B 165 -14.21 6.85 -13.24
N THR B 166 -15.05 6.02 -13.87
CA THR B 166 -14.87 4.56 -13.78
C THR B 166 -13.75 4.11 -14.71
N PHE B 167 -12.52 4.10 -14.19
CA PHE B 167 -11.33 3.78 -14.97
C PHE B 167 -11.49 2.42 -15.67
N SER B 168 -12.17 1.49 -14.99
CA SER B 168 -12.44 0.11 -15.47
C SER B 168 -13.09 0.11 -16.82
N SER B 169 -13.75 1.22 -17.15
CA SER B 169 -14.61 1.27 -18.31
C SER B 169 -13.99 1.88 -19.55
N TYR B 170 -12.78 2.43 -19.42
CA TYR B 170 -12.16 3.20 -20.50
C TYR B 170 -10.85 2.61 -21.03
N ALA B 171 -10.67 2.62 -22.35
CA ALA B 171 -9.36 2.34 -22.93
C ALA B 171 -8.43 3.53 -22.62
N MET B 172 -7.16 3.25 -22.37
CA MET B 172 -6.22 4.30 -22.01
C MET B 172 -5.09 4.28 -23.01
N SER B 173 -4.46 5.44 -23.20
CA SER B 173 -3.38 5.53 -24.17
C SER B 173 -2.16 6.27 -23.65
N TRP B 174 -0.98 5.90 -24.16
CA TRP B 174 0.21 6.71 -23.94
C TRP B 174 0.52 7.50 -25.20
N VAL B 175 0.76 8.79 -25.04
CA VAL B 175 1.20 9.66 -26.14
C VAL B 175 2.43 10.41 -25.66
N ARG B 176 3.38 10.62 -26.54
CA ARG B 176 4.58 11.35 -26.16
C ARG B 176 4.78 12.54 -27.06
N LEU B 177 5.35 13.60 -26.49
CA LEU B 177 5.71 14.78 -27.26
C LEU B 177 7.24 14.97 -27.19
N ALA B 178 7.90 14.72 -28.31
CA ALA B 178 9.33 14.89 -28.46
C ALA B 178 9.68 16.29 -28.97
N PRO B 179 10.86 16.82 -28.60
CA PRO B 179 11.30 18.22 -28.74
C PRO B 179 10.75 19.02 -29.95
N GLU B 180 10.58 18.48 -31.16
CA GLU B 180 9.96 19.35 -32.19
C GLU B 180 8.46 19.17 -32.36
N MET B 181 7.57 19.49 -31.45
CA MET B 181 6.16 19.45 -31.92
C MET B 181 5.85 18.03 -32.54
N ARG B 182 6.57 17.02 -32.04
CA ARG B 182 6.41 15.69 -32.57
C ARG B 182 5.54 14.96 -31.60
N LEU B 183 4.23 15.03 -31.83
CA LEU B 183 3.28 14.30 -31.02
C LEU B 183 3.12 12.90 -31.60
N GLU B 184 3.52 11.89 -30.82
CA GLU B 184 3.52 10.51 -31.28
C GLU B 184 2.66 9.62 -30.42
N TRP B 185 1.78 8.85 -31.03
CA TRP B 185 1.11 7.78 -30.31
C TRP B 185 2.13 6.74 -29.89
N VAL B 186 1.98 6.16 -28.70
CA VAL B 186 2.92 5.12 -28.25
C VAL B 186 2.23 3.75 -28.10
N ALA B 187 1.20 3.69 -27.28
CA ALA B 187 0.45 2.47 -27.08
C ALA B 187 -0.97 2.73 -26.55
N THR B 188 -1.86 1.78 -26.79
CA THR B 188 -3.21 1.84 -26.29
C THR B 188 -3.57 0.48 -25.66
N ILE B 189 -4.26 0.52 -24.53
CA ILE B 189 -4.72 -0.69 -23.87
C ILE B 189 -6.23 -0.59 -23.64
N SER B 190 -6.94 -1.66 -24.00
CA SER B 190 -8.40 -1.71 -23.87
C SER B 190 -8.80 -1.63 -22.40
N SER B 191 -10.08 -1.38 -22.13
CA SER B 191 -10.48 -1.04 -20.78
C SER B 191 -10.25 -2.19 -19.81
N ALA B 192 -10.41 -3.42 -20.30
CA ALA B 192 -10.19 -4.63 -19.49
C ALA B 192 -8.93 -5.39 -19.90
N GLY B 193 -8.10 -4.81 -20.76
CA GLY B 193 -6.76 -5.31 -21.01
C GLY B 193 -6.51 -6.34 -22.12
N GLY B 194 -7.57 -6.85 -22.73
CA GLY B 194 -7.42 -7.86 -23.76
C GLY B 194 -6.80 -7.40 -25.08
N TYR B 195 -7.03 -6.15 -25.42
CA TYR B 195 -6.54 -5.63 -26.69
C TYR B 195 -5.48 -4.57 -26.44
N ILE B 196 -4.29 -4.84 -26.92
CA ILE B 196 -3.14 -3.97 -26.72
C ILE B 196 -2.54 -3.63 -28.09
N PHE B 197 -2.12 -2.39 -28.27
CA PHE B 197 -1.53 -1.98 -29.54
C PHE B 197 -0.34 -1.05 -29.31
N TYR B 198 0.71 -1.28 -30.06
CA TYR B 198 1.93 -0.49 -29.96
C TYR B 198 2.27 0.21 -31.25
N SER B 199 2.83 1.40 -31.10
CA SER B 199 3.49 2.09 -32.19
C SER B 199 4.62 1.23 -32.74
N ASP B 200 4.87 1.34 -34.05
CA ASP B 200 6.08 0.79 -34.66
C ASP B 200 7.30 1.16 -33.84
N SER B 201 7.29 2.40 -33.35
CA SER B 201 8.44 3.00 -32.71
C SER B 201 8.84 2.30 -31.43
N VAL B 202 7.89 1.62 -30.79
CA VAL B 202 8.16 1.10 -29.46
C VAL B 202 7.87 -0.38 -29.32
N GLN B 203 7.36 -0.99 -30.39
CA GLN B 203 6.98 -2.40 -30.34
C GLN B 203 8.20 -3.26 -30.00
N GLY B 204 8.05 -4.14 -29.02
CA GLY B 204 9.20 -4.90 -28.55
C GLY B 204 9.90 -4.26 -27.37
N ARG B 205 10.11 -2.95 -27.42
CA ARG B 205 10.87 -2.24 -26.37
C ARG B 205 10.08 -1.76 -25.16
N PHE B 206 8.81 -1.35 -25.35
CA PHE B 206 7.99 -0.78 -24.25
C PHE B 206 6.85 -1.74 -23.95
N THR B 207 6.29 -1.65 -22.74
CA THR B 207 5.14 -2.50 -22.39
C THR B 207 4.08 -1.68 -21.64
N ILE B 208 2.85 -1.68 -22.16
CA ILE B 208 1.75 -0.95 -21.53
C ILE B 208 0.92 -1.90 -20.68
N SER B 209 0.61 -1.51 -19.45
CA SER B 209 -0.18 -2.36 -18.55
C SER B 209 -1.16 -1.49 -17.78
N ARG B 210 -2.18 -2.09 -17.20
CA ARG B 210 -3.05 -1.37 -16.26
C ARG B 210 -3.45 -2.22 -15.08
N ASP B 211 -3.80 -1.54 -14.00
CA ASP B 211 -4.24 -2.15 -12.77
C ASP B 211 -5.61 -1.59 -12.46
N ASN B 212 -6.67 -2.28 -12.89
CA ASN B 212 -8.01 -1.74 -12.68
C ASN B 212 -8.36 -1.62 -11.20
N ALA B 213 -7.66 -2.40 -10.37
CA ALA B 213 -7.90 -2.41 -8.92
C ALA B 213 -7.31 -1.18 -8.22
N LYS B 214 -6.09 -0.82 -8.62
CA LYS B 214 -5.41 0.34 -8.06
C LYS B 214 -5.61 1.59 -8.93
N ASN B 215 -6.52 1.51 -9.89
CA ASN B 215 -6.86 2.62 -10.80
C ASN B 215 -5.64 3.26 -11.43
N SER B 216 -4.89 2.46 -12.17
CA SER B 216 -3.54 2.84 -12.58
C SER B 216 -3.18 2.38 -13.98
N LEU B 217 -2.38 3.18 -14.67
CA LEU B 217 -1.87 2.82 -15.99
C LEU B 217 -0.36 2.94 -16.00
N HIS B 218 0.34 2.02 -16.66
CA HIS B 218 1.80 1.98 -16.66
C HIS B 218 2.42 1.81 -18.05
N LEU B 219 3.60 2.38 -18.24
CA LEU B 219 4.38 2.16 -19.45
C LEU B 219 5.78 1.77 -19.05
N GLN B 220 6.09 0.49 -19.20
CA GLN B 220 7.43 -0.02 -18.96
C GLN B 220 8.32 0.31 -20.14
N MET B 221 9.39 1.05 -19.91
CA MET B 221 10.24 1.46 -21.02
C MET B 221 11.60 0.81 -20.92
N GLY B 222 11.86 -0.14 -21.83
CA GLY B 222 13.13 -0.81 -21.92
C GLY B 222 13.76 -0.55 -23.27
N SER B 223 15.02 -0.96 -23.41
CA SER B 223 15.81 -0.70 -24.61
C SER B 223 15.76 0.75 -25.07
N LEU B 224 15.96 1.67 -24.12
CA LEU B 224 15.81 3.10 -24.37
C LEU B 224 16.81 3.64 -25.39
N ARG B 225 16.31 4.24 -26.48
CA ARG B 225 17.17 5.02 -27.38
C ARG B 225 16.99 6.52 -27.13
N SER B 226 17.87 7.32 -27.73
CA SER B 226 17.84 8.77 -27.52
C SER B 226 16.62 9.43 -28.17
N GLY B 227 16.04 8.75 -29.17
CA GLY B 227 14.78 9.18 -29.76
C GLY B 227 13.57 9.01 -28.85
N ASP B 228 13.72 8.33 -27.72
CA ASP B 228 12.64 8.17 -26.72
C ASP B 228 12.51 9.33 -25.74
N THR B 229 13.34 10.35 -25.89
CA THR B 229 13.29 11.52 -25.02
C THR B 229 12.08 12.34 -25.40
N ALA B 230 11.20 12.55 -24.43
CA ALA B 230 9.91 13.18 -24.69
C ALA B 230 9.15 13.40 -23.39
N MET B 231 8.10 14.18 -23.45
CA MET B 231 7.12 14.21 -22.37
C MET B 231 6.10 13.13 -22.65
N TYR B 232 5.77 12.34 -21.64
CA TYR B 232 4.86 11.23 -21.81
C TYR B 232 3.52 11.52 -21.14
N TYR B 233 2.45 11.48 -21.93
CA TYR B 233 1.10 11.73 -21.44
C TYR B 233 0.29 10.46 -21.44
N CYS B 234 -0.46 10.26 -20.37
CA CYS B 234 -1.55 9.30 -20.43
C CYS B 234 -2.83 10.06 -20.80
N ALA B 235 -3.65 9.40 -21.61
CA ALA B 235 -4.84 10.02 -22.13
C ALA B 235 -5.96 9.01 -22.12
N ARG B 236 -7.15 9.48 -21.80
CA ARG B 236 -8.29 8.60 -21.74
C ARG B 236 -8.98 8.61 -23.09
N GLN B 237 -9.27 7.42 -23.61
CA GLN B 237 -10.07 7.30 -24.83
C GLN B 237 -11.54 7.50 -24.49
N GLY B 238 -12.16 8.49 -25.12
CA GLY B 238 -13.54 8.85 -24.79
C GLY B 238 -14.59 8.06 -25.55
N PHE B 239 -15.75 7.91 -24.92
CA PHE B 239 -16.90 7.35 -25.58
C PHE B 239 -18.16 7.89 -24.94
N GLY B 240 -19.29 7.62 -25.59
CA GLY B 240 -20.59 8.08 -25.15
C GLY B 240 -21.72 7.26 -25.75
N ASN B 241 -22.94 7.77 -25.61
CA ASN B 241 -24.15 7.06 -26.03
C ASN B 241 -24.26 6.84 -27.53
N TYR B 242 -23.55 7.66 -28.29
CA TYR B 242 -23.61 7.59 -29.73
C TYR B 242 -22.44 6.80 -30.32
N GLY B 243 -21.61 6.27 -29.42
CA GLY B 243 -20.46 5.50 -29.82
C GLY B 243 -19.13 5.99 -29.26
N ASP B 244 -18.09 5.27 -29.62
CA ASP B 244 -16.73 5.57 -29.22
C ASP B 244 -16.29 6.84 -29.98
N TYR B 245 -15.60 7.75 -29.30
CA TYR B 245 -15.13 8.97 -29.96
C TYR B 245 -14.01 8.63 -30.90
N TYR B 246 -13.36 7.50 -30.62
CA TYR B 246 -12.07 7.19 -31.20
C TYR B 246 -11.18 8.43 -31.13
N ALA B 247 -11.17 9.04 -29.95
CA ALA B 247 -10.39 10.25 -29.64
C ALA B 247 -10.10 10.30 -28.14
N MET B 248 -9.06 11.03 -27.76
CA MET B 248 -8.66 11.09 -26.37
C MET B 248 -9.20 12.37 -25.70
N ASP B 249 -10.13 12.21 -24.77
CA ASP B 249 -10.85 13.37 -24.26
C ASP B 249 -10.31 13.94 -22.95
N TYR B 250 -9.43 13.20 -22.24
CA TYR B 250 -8.71 13.76 -21.08
C TYR B 250 -7.25 13.33 -21.09
N TRP B 251 -6.35 14.26 -20.77
CA TRP B 251 -4.91 13.99 -20.71
C TRP B 251 -4.31 14.43 -19.39
N GLY B 252 -3.33 13.68 -18.89
CA GLY B 252 -2.58 14.15 -17.73
C GLY B 252 -1.56 15.21 -18.12
N GLN B 253 -0.90 15.82 -17.15
CA GLN B 253 0.25 16.67 -17.48
C GLN B 253 1.46 15.77 -17.73
N GLY B 254 2.31 16.14 -18.66
CA GLY B 254 3.34 15.19 -19.03
C GLY B 254 4.46 14.92 -18.04
N THR B 255 4.64 13.66 -17.64
CA THR B 255 5.89 13.30 -16.97
C THR B 255 6.95 13.20 -18.06
N THR B 256 8.15 13.70 -17.78
CA THR B 256 9.15 13.79 -18.86
C THR B 256 10.32 12.79 -18.67
N VAL B 257 10.76 12.20 -19.79
CA VAL B 257 11.75 11.15 -19.78
C VAL B 257 12.94 11.56 -20.63
N THR B 258 14.10 11.67 -19.99
CA THR B 258 15.28 12.05 -20.73
C THR B 258 16.30 10.92 -20.80
N VAL B 259 16.57 10.52 -22.04
CA VAL B 259 17.52 9.46 -22.34
C VAL B 259 18.84 10.10 -22.79
N SER B 260 19.87 9.99 -21.92
CA SER B 260 21.15 10.71 -22.08
C SER B 260 22.20 10.03 -22.97
N SER B 261 22.38 10.63 -24.16
CA SER B 261 23.47 10.25 -25.08
C SER B 261 24.82 10.55 -24.45
N MET C 1 -1.79 -16.67 -29.07
CA MET C 1 -2.95 -17.48 -29.42
C MET C 1 -2.58 -18.97 -29.65
N LYS C 2 -1.78 -19.54 -28.76
CA LYS C 2 -1.58 -20.98 -28.82
C LYS C 2 -1.89 -21.57 -27.44
N ILE C 3 -3.00 -22.28 -27.39
CA ILE C 3 -3.48 -22.95 -26.18
C ILE C 3 -2.88 -24.35 -26.10
N GLU C 4 -2.52 -24.89 -27.25
CA GLU C 4 -1.90 -26.21 -27.40
C GLU C 4 -2.90 -27.36 -27.35
N GLU C 5 -2.99 -28.08 -28.45
CA GLU C 5 -3.84 -29.25 -28.52
C GLU C 5 -3.19 -30.40 -27.76
N GLY C 6 -4.03 -31.27 -27.20
CA GLY C 6 -3.59 -32.48 -26.52
C GLY C 6 -3.22 -32.34 -25.06
N LYS C 7 -3.51 -31.17 -24.50
CA LYS C 7 -3.37 -30.90 -23.07
C LYS C 7 -4.63 -30.20 -22.60
N LEU C 8 -4.86 -30.20 -21.30
CA LEU C 8 -5.90 -29.38 -20.71
C LEU C 8 -5.26 -28.47 -19.70
N VAL C 9 -5.52 -27.17 -19.82
CA VAL C 9 -5.03 -26.18 -18.85
C VAL C 9 -6.24 -25.61 -18.14
N ILE C 10 -6.26 -25.66 -16.81
CA ILE C 10 -7.44 -25.28 -16.03
C ILE C 10 -7.11 -24.17 -15.08
N TRP C 11 -7.92 -23.10 -15.07
CA TRP C 11 -7.74 -22.02 -14.10
C TRP C 11 -8.88 -22.02 -13.09
N ILE C 12 -8.53 -21.92 -11.82
CA ILE C 12 -9.54 -21.88 -10.77
C ILE C 12 -9.02 -20.97 -9.67
N ASN C 13 -9.93 -20.29 -8.99
CA ASN C 13 -9.52 -19.30 -7.99
C ASN C 13 -8.78 -19.96 -6.85
N GLY C 14 -7.93 -19.17 -6.20
CA GLY C 14 -7.00 -19.68 -5.20
C GLY C 14 -7.57 -20.17 -3.88
N ASP C 15 -8.76 -19.70 -3.51
CA ASP C 15 -9.35 -20.16 -2.26
C ASP C 15 -10.05 -21.51 -2.47
N LYS C 16 -10.14 -21.97 -3.72
CA LYS C 16 -10.80 -23.24 -4.02
C LYS C 16 -9.86 -24.43 -3.96
N GLY C 17 -10.40 -25.63 -4.10
CA GLY C 17 -9.61 -26.81 -3.85
C GLY C 17 -8.84 -27.26 -5.06
N TYR C 18 -7.92 -26.41 -5.52
CA TYR C 18 -7.19 -26.69 -6.76
C TYR C 18 -6.29 -27.94 -6.71
N ASN C 19 -5.78 -28.30 -5.53
CA ASN C 19 -4.95 -29.50 -5.41
C ASN C 19 -5.82 -30.74 -5.57
N GLY C 20 -7.01 -30.69 -4.97
CA GLY C 20 -8.01 -31.73 -5.14
C GLY C 20 -8.36 -31.85 -6.60
N LEU C 21 -8.56 -30.70 -7.24
CA LEU C 21 -8.87 -30.66 -8.67
C LEU C 21 -7.69 -31.19 -9.48
N ALA C 22 -6.48 -30.92 -9.00
CA ALA C 22 -5.31 -31.46 -9.70
C ALA C 22 -5.30 -32.99 -9.67
N GLU C 23 -5.85 -33.58 -8.61
CA GLU C 23 -5.90 -35.03 -8.49
C GLU C 23 -6.95 -35.67 -9.42
N VAL C 24 -8.06 -34.97 -9.71
CA VAL C 24 -8.96 -35.41 -10.79
C VAL C 24 -8.20 -35.31 -12.13
N GLY C 25 -7.36 -34.29 -12.24
CA GLY C 25 -6.53 -34.10 -13.40
C GLY C 25 -5.58 -35.27 -13.61
N LYS C 26 -4.85 -35.63 -12.55
CA LYS C 26 -3.97 -36.79 -12.65
C LYS C 26 -4.73 -38.07 -13.02
N LYS C 27 -5.92 -38.25 -12.45
CA LYS C 27 -6.73 -39.41 -12.81
C LYS C 27 -7.05 -39.38 -14.30
N PHE C 28 -7.35 -38.21 -14.82
CA PHE C 28 -7.64 -38.07 -16.25
C PHE C 28 -6.44 -38.44 -17.09
N GLU C 29 -5.28 -37.96 -16.68
CA GLU C 29 -4.03 -38.20 -17.38
C GLU C 29 -3.78 -39.71 -17.51
N LYS C 30 -3.91 -40.44 -16.40
CA LYS C 30 -3.67 -41.87 -16.41
C LYS C 30 -4.69 -42.65 -17.25
N ASP C 31 -5.91 -42.14 -17.39
CA ASP C 31 -6.90 -42.89 -18.13
C ASP C 31 -6.77 -42.68 -19.62
N THR C 32 -6.33 -41.47 -20.01
CA THR C 32 -6.40 -41.04 -21.40
C THR C 32 -5.07 -40.60 -21.97
N GLY C 33 -4.09 -40.35 -21.12
CA GLY C 33 -2.81 -39.84 -21.55
C GLY C 33 -2.74 -38.33 -21.68
N ILE C 34 -3.88 -37.64 -21.63
CA ILE C 34 -3.92 -36.18 -21.74
C ILE C 34 -3.47 -35.51 -20.42
N LYS C 35 -2.44 -34.70 -20.46
CA LYS C 35 -2.00 -34.00 -19.25
C LYS C 35 -2.94 -32.87 -18.86
N VAL C 36 -3.23 -32.78 -17.56
CA VAL C 36 -4.07 -31.74 -17.04
C VAL C 36 -3.28 -30.87 -16.09
N THR C 37 -3.22 -29.58 -16.36
CA THR C 37 -2.48 -28.64 -15.52
C THR C 37 -3.40 -27.62 -14.88
N VAL C 38 -3.43 -27.60 -13.55
CA VAL C 38 -4.26 -26.62 -12.83
C VAL C 38 -3.40 -25.45 -12.33
N GLU C 39 -3.80 -24.23 -12.64
CA GLU C 39 -3.16 -23.00 -12.14
C GLU C 39 -4.18 -22.14 -11.43
N HIS C 40 -3.74 -21.31 -10.49
CA HIS C 40 -4.64 -20.37 -9.84
C HIS C 40 -4.07 -18.99 -9.90
N PRO C 41 -4.11 -18.37 -11.08
CA PRO C 41 -3.54 -17.02 -11.21
C PRO C 41 -4.21 -16.06 -10.24
N ASP C 42 -3.49 -15.05 -9.77
CA ASP C 42 -4.12 -14.06 -8.91
C ASP C 42 -5.06 -13.28 -9.78
N LYS C 43 -6.19 -12.85 -9.23
CA LYS C 43 -7.17 -12.03 -9.94
C LYS C 43 -7.63 -12.66 -11.25
N LEU C 44 -7.87 -13.96 -11.28
CA LEU C 44 -8.13 -14.63 -12.55
C LEU C 44 -9.48 -14.21 -13.13
N GLU C 45 -10.29 -13.50 -12.38
CA GLU C 45 -11.58 -13.06 -12.89
C GLU C 45 -11.33 -11.93 -13.87
N GLU C 46 -10.15 -11.30 -13.72
CA GLU C 46 -9.71 -10.24 -14.62
C GLU C 46 -8.64 -10.72 -15.60
N LYS C 47 -7.83 -11.70 -15.19
CA LYS C 47 -6.84 -12.30 -16.10
C LYS C 47 -7.45 -13.11 -17.22
N PHE C 48 -8.52 -13.86 -16.96
CA PHE C 48 -9.05 -14.70 -18.01
C PHE C 48 -9.46 -13.89 -19.25
N PRO C 49 -10.37 -12.88 -19.10
CA PRO C 49 -10.85 -12.16 -20.29
C PRO C 49 -9.76 -11.35 -20.97
N GLN C 50 -8.71 -11.05 -20.23
CA GLN C 50 -7.60 -10.32 -20.78
C GLN C 50 -6.79 -11.18 -21.76
N VAL C 51 -6.52 -12.44 -21.41
CA VAL C 51 -5.73 -13.32 -22.26
C VAL C 51 -6.58 -13.98 -23.34
N ALA C 52 -7.83 -14.27 -23.03
CA ALA C 52 -8.71 -15.00 -23.94
C ALA C 52 -9.14 -14.13 -25.10
N ALA C 53 -8.93 -12.83 -24.96
CA ALA C 53 -9.31 -11.88 -26.00
C ALA C 53 -8.51 -12.12 -27.26
N THR C 54 -7.22 -12.38 -27.06
CA THR C 54 -6.29 -12.67 -28.15
C THR C 54 -6.15 -14.18 -28.36
N GLY C 55 -7.07 -14.94 -27.76
CA GLY C 55 -7.12 -16.37 -27.96
C GLY C 55 -6.11 -17.16 -27.16
N ASP C 56 -5.52 -16.53 -26.15
CA ASP C 56 -4.63 -17.25 -25.24
C ASP C 56 -5.41 -17.72 -24.00
N GLY C 57 -4.70 -18.31 -23.02
CA GLY C 57 -5.33 -18.67 -21.77
C GLY C 57 -5.71 -20.12 -21.55
N PRO C 58 -6.47 -20.39 -20.49
CA PRO C 58 -6.74 -21.80 -20.16
C PRO C 58 -7.78 -22.42 -21.05
N ASP C 59 -7.85 -23.74 -21.07
CA ASP C 59 -8.91 -24.46 -21.75
C ASP C 59 -10.21 -24.31 -20.98
N ILE C 60 -10.10 -24.35 -19.65
CA ILE C 60 -11.26 -24.33 -18.77
C ILE C 60 -11.06 -23.26 -17.73
N ILE C 61 -12.12 -22.49 -17.49
CA ILE C 61 -12.09 -21.39 -16.54
C ILE C 61 -13.17 -21.62 -15.48
N PHE C 62 -12.79 -21.49 -14.22
CA PHE C 62 -13.73 -21.60 -13.09
C PHE C 62 -14.02 -20.24 -12.47
N TRP C 63 -15.30 -19.93 -12.32
CA TRP C 63 -15.73 -18.81 -11.50
C TRP C 63 -17.21 -18.95 -11.22
N ALA C 64 -17.73 -18.12 -10.32
CA ALA C 64 -19.16 -18.06 -10.13
C ALA C 64 -19.77 -17.55 -11.43
N HIS C 65 -20.98 -18.00 -11.72
CA HIS C 65 -21.60 -17.77 -13.02
C HIS C 65 -21.79 -16.31 -13.38
N ASP C 66 -21.76 -15.43 -12.37
CA ASP C 66 -22.13 -14.04 -12.59
C ASP C 66 -21.23 -13.35 -13.64
N ARG C 67 -19.99 -13.79 -13.74
CA ARG C 67 -19.05 -13.12 -14.61
C ARG C 67 -19.06 -13.65 -16.04
N PHE C 68 -19.89 -14.66 -16.29
CA PHE C 68 -19.82 -15.43 -17.52
C PHE C 68 -20.65 -14.86 -18.67
N GLY C 69 -21.72 -14.14 -18.37
CA GLY C 69 -22.38 -13.41 -19.43
C GLY C 69 -21.40 -12.41 -20.05
N GLY C 70 -20.74 -11.64 -19.20
CA GLY C 70 -19.73 -10.70 -19.66
C GLY C 70 -18.73 -11.41 -20.55
N TYR C 71 -18.30 -12.61 -20.14
CA TYR C 71 -17.35 -13.37 -20.96
C TYR C 71 -17.99 -13.81 -22.27
N ALA C 72 -19.23 -14.31 -22.20
CA ALA C 72 -19.90 -14.81 -23.38
C ALA C 72 -20.11 -13.66 -24.38
N GLN C 73 -20.58 -12.53 -23.88
CA GLN C 73 -20.83 -11.37 -24.71
C GLN C 73 -19.57 -10.91 -25.42
N SER C 74 -18.43 -11.10 -24.77
CA SER C 74 -17.15 -10.76 -25.35
C SER C 74 -16.66 -11.85 -26.28
N GLY C 75 -17.46 -12.90 -26.46
CA GLY C 75 -17.10 -14.02 -27.32
C GLY C 75 -16.02 -14.96 -26.83
N LEU C 76 -15.68 -14.88 -25.54
CA LEU C 76 -14.62 -15.71 -24.94
C LEU C 76 -14.99 -17.16 -24.58
N LEU C 77 -16.26 -17.56 -24.72
CA LEU C 77 -16.68 -18.88 -24.22
C LEU C 77 -17.33 -19.80 -25.27
N ALA C 78 -17.04 -21.09 -25.19
CA ALA C 78 -17.69 -22.03 -26.09
C ALA C 78 -19.07 -22.40 -25.57
N GLU C 79 -20.01 -22.62 -26.49
CA GLU C 79 -21.28 -23.19 -26.10
C GLU C 79 -21.06 -24.66 -25.67
N ILE C 80 -21.62 -25.00 -24.51
CA ILE C 80 -21.54 -26.31 -23.90
C ILE C 80 -22.55 -27.27 -24.58
N THR C 81 -22.24 -28.58 -24.65
CA THR C 81 -23.14 -29.51 -25.34
C THR C 81 -23.51 -30.78 -24.56
N PRO C 82 -23.92 -30.64 -23.29
CA PRO C 82 -24.25 -31.86 -22.56
C PRO C 82 -25.64 -32.37 -22.96
N ASP C 83 -25.80 -33.68 -23.15
CA ASP C 83 -27.10 -34.14 -23.58
C ASP C 83 -28.06 -34.13 -22.38
N LYS C 84 -29.34 -34.33 -22.66
CA LYS C 84 -30.38 -34.26 -21.64
C LYS C 84 -30.07 -35.21 -20.48
N ALA C 85 -29.42 -36.33 -20.78
CA ALA C 85 -29.11 -37.30 -19.73
C ALA C 85 -28.10 -36.74 -18.74
N PHE C 86 -27.08 -36.02 -19.23
CA PHE C 86 -26.15 -35.46 -18.29
C PHE C 86 -26.82 -34.32 -17.56
N GLN C 87 -27.62 -33.53 -18.27
CA GLN C 87 -28.32 -32.38 -17.68
C GLN C 87 -29.23 -32.76 -16.53
N ASP C 88 -29.81 -33.95 -16.62
CA ASP C 88 -30.69 -34.40 -15.56
C ASP C 88 -29.91 -34.80 -14.32
N LYS C 89 -28.59 -34.99 -14.43
CA LYS C 89 -27.80 -35.28 -13.24
C LYS C 89 -27.68 -34.04 -12.35
N LEU C 90 -27.89 -32.85 -12.90
CA LEU C 90 -27.72 -31.60 -12.14
C LEU C 90 -29.06 -30.91 -11.84
N TYR C 91 -29.12 -30.14 -10.74
CA TYR C 91 -30.35 -29.43 -10.39
C TYR C 91 -30.65 -28.39 -11.46
N PRO C 92 -31.90 -28.40 -11.93
CA PRO C 92 -32.34 -27.53 -13.02
C PRO C 92 -31.99 -26.06 -12.78
N PHE C 93 -32.11 -25.61 -11.54
CA PHE C 93 -31.89 -24.20 -11.28
C PHE C 93 -30.45 -23.83 -11.60
N THR C 94 -29.52 -24.78 -11.50
CA THR C 94 -28.12 -24.46 -11.82
C THR C 94 -27.88 -24.29 -13.32
N TRP C 95 -28.63 -25.04 -14.14
CA TRP C 95 -28.53 -24.85 -15.58
C TRP C 95 -29.03 -23.46 -15.94
N ASP C 96 -30.11 -23.00 -15.28
CA ASP C 96 -30.61 -21.64 -15.54
C ASP C 96 -29.56 -20.57 -15.26
N ALA C 97 -28.70 -20.79 -14.26
CA ALA C 97 -27.65 -19.81 -13.97
C ALA C 97 -26.54 -19.78 -15.02
N VAL C 98 -26.35 -20.85 -15.80
CA VAL C 98 -25.31 -20.83 -16.84
C VAL C 98 -25.85 -20.61 -18.26
N ARG C 99 -27.07 -20.07 -18.38
CA ARG C 99 -27.65 -19.73 -19.67
C ARG C 99 -27.32 -18.28 -20.07
N TYR C 100 -27.18 -18.04 -21.36
CA TYR C 100 -26.98 -16.70 -21.89
C TYR C 100 -27.42 -16.61 -23.34
N ASN C 101 -28.39 -15.75 -23.63
CA ASN C 101 -29.08 -15.77 -24.92
C ASN C 101 -29.55 -17.19 -25.22
N GLY C 102 -30.19 -17.82 -24.25
CA GLY C 102 -30.75 -19.15 -24.40
C GLY C 102 -29.80 -20.33 -24.43
N LYS C 103 -28.50 -20.07 -24.52
CA LYS C 103 -27.52 -21.14 -24.66
C LYS C 103 -26.76 -21.49 -23.35
N LEU C 104 -26.49 -22.77 -23.13
CA LEU C 104 -25.64 -23.17 -22.01
C LEU C 104 -24.18 -22.80 -22.26
N ILE C 105 -23.59 -21.97 -21.39
CA ILE C 105 -22.19 -21.55 -21.62
C ILE C 105 -21.21 -22.00 -20.53
N ALA C 106 -21.64 -22.87 -19.63
CA ALA C 106 -20.74 -23.45 -18.62
C ALA C 106 -21.39 -24.62 -17.89
N TYR C 107 -20.52 -25.38 -17.21
CA TYR C 107 -20.96 -26.47 -16.36
C TYR C 107 -21.08 -25.97 -14.94
N PRO C 108 -22.28 -26.09 -14.35
CA PRO C 108 -22.36 -25.81 -12.91
C PRO C 108 -21.63 -26.84 -12.08
N ILE C 109 -20.99 -26.40 -11.01
CA ILE C 109 -20.22 -27.26 -10.14
C ILE C 109 -20.73 -27.13 -8.69
N ALA C 110 -20.64 -25.92 -8.13
CA ALA C 110 -21.06 -25.69 -6.76
C ALA C 110 -22.00 -24.50 -6.59
N VAL C 111 -22.91 -24.62 -5.65
CA VAL C 111 -23.80 -23.52 -5.32
C VAL C 111 -23.30 -22.86 -4.04
N GLU C 112 -22.91 -21.59 -4.16
CA GLU C 112 -22.25 -20.87 -3.07
C GLU C 112 -23.13 -19.78 -2.47
N ALA C 113 -23.15 -19.71 -1.13
CA ALA C 113 -23.79 -18.61 -0.41
C ALA C 113 -23.05 -18.41 0.89
N LEU C 114 -22.95 -17.16 1.37
CA LEU C 114 -22.30 -16.93 2.67
C LEU C 114 -23.20 -17.41 3.82
N SER C 115 -22.59 -17.96 4.87
CA SER C 115 -23.31 -18.29 6.12
C SER C 115 -22.71 -17.50 7.30
N LEU C 116 -23.35 -17.52 8.47
CA LEU C 116 -22.72 -16.94 9.67
C LEU C 116 -21.86 -17.99 10.38
N ILE C 117 -20.57 -17.69 10.52
CA ILE C 117 -19.67 -18.66 11.16
C ILE C 117 -19.34 -18.17 12.55
N TYR C 118 -19.61 -19.00 13.56
CA TYR C 118 -19.41 -18.60 14.95
C TYR C 118 -18.54 -19.59 15.76
N ASN C 119 -17.89 -19.02 16.76
CA ASN C 119 -17.11 -19.76 17.75
C ASN C 119 -18.03 -20.30 18.84
N LYS C 120 -18.16 -21.60 18.96
CA LYS C 120 -19.08 -22.19 19.93
C LYS C 120 -18.64 -21.87 21.37
N ASP C 121 -17.32 -21.78 21.60
CA ASP C 121 -16.78 -21.51 22.93
C ASP C 121 -17.03 -20.06 23.39
N LEU C 122 -16.74 -19.08 22.53
CA LEU C 122 -16.97 -17.68 22.89
C LEU C 122 -18.45 -17.30 22.94
N LEU C 123 -19.27 -18.03 22.18
CA LEU C 123 -20.64 -17.62 21.88
C LEU C 123 -21.53 -18.80 21.47
N PRO C 124 -22.04 -19.55 22.44
CA PRO C 124 -22.84 -20.76 22.19
C PRO C 124 -24.15 -20.47 21.50
N ASN C 125 -24.71 -19.29 21.76
CA ASN C 125 -25.97 -18.89 21.15
C ASN C 125 -25.75 -17.65 20.33
N PRO C 126 -25.45 -17.84 19.04
CA PRO C 126 -25.17 -16.74 18.12
C PRO C 126 -26.44 -15.92 17.90
N PRO C 127 -26.29 -14.62 17.58
CA PRO C 127 -27.40 -13.70 17.44
C PRO C 127 -28.38 -14.03 16.34
N LYS C 128 -29.68 -13.93 16.62
CA LYS C 128 -30.69 -14.01 15.59
C LYS C 128 -30.65 -12.77 14.70
N THR C 129 -30.21 -11.63 15.23
CA THR C 129 -30.34 -10.34 14.54
C THR C 129 -29.05 -9.54 14.43
N TRP C 130 -28.97 -8.70 13.39
CA TRP C 130 -27.86 -7.75 13.23
C TRP C 130 -27.87 -6.71 14.34
N GLU C 131 -29.07 -6.27 14.71
CA GLU C 131 -29.27 -5.20 15.70
C GLU C 131 -28.64 -5.49 17.05
N GLU C 132 -28.62 -6.76 17.46
CA GLU C 132 -28.15 -7.11 18.80
C GLU C 132 -26.64 -7.33 18.84
N ILE C 133 -25.98 -7.13 17.70
CA ILE C 133 -24.52 -7.27 17.64
C ILE C 133 -23.74 -6.17 18.41
N PRO C 134 -24.20 -4.90 18.33
CA PRO C 134 -23.43 -3.90 19.11
C PRO C 134 -23.31 -4.21 20.62
N ALA C 135 -24.41 -4.55 21.28
CA ALA C 135 -24.38 -4.92 22.70
C ALA C 135 -23.53 -6.17 22.95
N LEU C 136 -23.49 -7.05 21.96
CA LEU C 136 -22.73 -8.28 22.03
C LEU C 136 -21.22 -8.02 21.85
N ASP C 137 -20.87 -6.97 21.12
CA ASP C 137 -19.46 -6.58 21.02
C ASP C 137 -18.97 -6.00 22.32
N LYS C 138 -19.80 -5.19 23.00
CA LYS C 138 -19.40 -4.56 24.26
C LYS C 138 -19.01 -5.65 25.26
N GLU C 139 -19.91 -6.63 25.41
CA GLU C 139 -19.65 -7.79 26.27
C GLU C 139 -18.31 -8.43 25.94
N LEU C 140 -18.12 -8.79 24.68
CA LEU C 140 -16.90 -9.50 24.29
C LEU C 140 -15.65 -8.60 24.36
N LYS C 141 -15.82 -7.29 24.21
CA LYS C 141 -14.68 -6.38 24.35
C LYS C 141 -14.15 -6.37 25.80
N ALA C 142 -15.05 -6.54 26.77
CA ALA C 142 -14.66 -6.61 28.18
C ALA C 142 -13.67 -7.76 28.46
N LYS C 143 -13.73 -8.82 27.64
CA LYS C 143 -12.82 -9.97 27.73
C LYS C 143 -11.75 -9.99 26.62
N GLY C 144 -11.46 -8.84 26.02
CA GLY C 144 -10.43 -8.78 25.01
C GLY C 144 -10.81 -9.44 23.70
N LYS C 145 -12.12 -9.54 23.43
CA LYS C 145 -12.60 -10.13 22.18
C LYS C 145 -13.49 -9.15 21.41
N SER C 146 -13.78 -9.46 20.15
CA SER C 146 -14.76 -8.68 19.40
C SER C 146 -15.94 -9.57 19.03
N ALA C 147 -17.03 -8.97 18.56
CA ALA C 147 -18.20 -9.76 18.20
C ALA C 147 -18.10 -10.32 16.78
N LEU C 148 -17.86 -9.43 15.82
CA LEU C 148 -17.95 -9.78 14.42
C LEU C 148 -16.80 -9.18 13.63
N MET C 149 -16.25 -9.98 12.73
CA MET C 149 -15.25 -9.51 11.81
C MET C 149 -15.35 -10.27 10.52
N PHE C 150 -15.66 -9.55 9.44
CA PHE C 150 -15.67 -10.15 8.12
C PHE C 150 -15.07 -9.16 7.11
N ASN C 151 -14.86 -9.60 5.87
CA ASN C 151 -14.22 -8.79 4.82
C ASN C 151 -15.11 -7.62 4.33
N LEU C 152 -14.67 -6.37 4.49
CA LEU C 152 -15.46 -5.23 3.99
C LEU C 152 -14.92 -4.62 2.67
N GLN C 153 -13.79 -5.14 2.19
CA GLN C 153 -13.15 -4.67 0.95
C GLN C 153 -13.80 -5.23 -0.32
N GLU C 154 -14.62 -6.25 -0.15
CA GLU C 154 -15.26 -6.93 -1.26
C GLU C 154 -16.76 -6.89 -1.07
N PRO C 155 -17.49 -6.23 -1.99
CA PRO C 155 -18.92 -5.97 -1.79
C PRO C 155 -19.74 -7.24 -1.67
N TYR C 156 -19.20 -8.35 -2.14
CA TYR C 156 -19.85 -9.66 -1.99
C TYR C 156 -20.24 -9.96 -0.55
N PHE C 157 -19.37 -9.54 0.37
CA PHE C 157 -19.52 -9.88 1.77
C PHE C 157 -20.49 -8.96 2.49
N THR C 158 -20.77 -7.79 1.91
CA THR C 158 -21.64 -6.77 2.53
C THR C 158 -23.03 -6.75 1.83
N TRP C 159 -23.12 -7.42 0.69
CA TRP C 159 -24.40 -7.46 -0.01
C TRP C 159 -25.52 -8.10 0.81
N PRO C 160 -25.24 -9.19 1.55
CA PRO C 160 -26.39 -9.76 2.26
C PRO C 160 -27.05 -8.74 3.20
N LEU C 161 -26.28 -7.85 3.85
CA LEU C 161 -26.88 -6.83 4.73
C LEU C 161 -27.51 -5.69 3.91
N ILE C 162 -26.96 -5.38 2.74
CA ILE C 162 -27.48 -4.28 1.92
C ILE C 162 -28.84 -4.65 1.33
N ALA C 163 -29.04 -5.93 1.09
CA ALA C 163 -30.20 -6.35 0.36
C ALA C 163 -31.30 -6.83 1.31
N ALA C 164 -30.96 -7.06 2.56
CA ALA C 164 -31.89 -7.64 3.52
C ALA C 164 -33.21 -6.87 3.50
N ASP C 165 -33.12 -5.54 3.57
CA ASP C 165 -34.30 -4.69 3.68
C ASP C 165 -34.78 -4.16 2.34
N GLY C 166 -34.28 -4.72 1.23
CA GLY C 166 -34.79 -4.34 -0.07
C GLY C 166 -33.84 -3.79 -1.12
N GLY C 167 -32.58 -3.56 -0.77
CA GLY C 167 -31.58 -3.24 -1.78
C GLY C 167 -31.50 -4.35 -2.84
N TYR C 168 -31.36 -3.98 -4.11
CA TYR C 168 -31.16 -5.01 -5.14
C TYR C 168 -30.27 -4.49 -6.29
N ALA C 169 -29.70 -5.41 -7.08
CA ALA C 169 -28.84 -5.01 -8.19
C ALA C 169 -29.69 -4.56 -9.39
N PHE C 170 -30.10 -5.52 -10.23
CA PHE C 170 -31.02 -5.26 -11.32
C PHE C 170 -32.32 -5.99 -11.08
N LYS C 171 -33.42 -5.34 -11.41
CA LYS C 171 -34.72 -5.94 -11.15
C LYS C 171 -35.03 -7.01 -12.20
N TYR C 172 -35.46 -8.16 -11.71
CA TYR C 172 -35.80 -9.28 -12.56
C TYR C 172 -37.30 -9.38 -12.75
N GLU C 173 -37.78 -9.00 -13.93
CA GLU C 173 -39.21 -9.04 -14.19
C GLU C 173 -39.51 -9.70 -15.51
N ASN C 174 -40.56 -10.52 -15.51
CA ASN C 174 -40.96 -11.37 -16.64
C ASN C 174 -39.82 -11.98 -17.42
N GLY C 175 -39.04 -12.78 -16.69
CA GLY C 175 -37.96 -13.60 -17.22
C GLY C 175 -36.75 -12.83 -17.64
N LYS C 176 -36.75 -11.52 -17.46
CA LYS C 176 -35.55 -10.78 -17.88
C LYS C 176 -35.19 -9.56 -17.04
N TYR C 177 -33.90 -9.31 -16.92
CA TYR C 177 -33.41 -8.17 -16.15
C TYR C 177 -33.62 -6.84 -16.87
N ASP C 178 -34.03 -5.84 -16.12
CA ASP C 178 -34.28 -4.51 -16.63
C ASP C 178 -33.18 -3.61 -16.12
N ILE C 179 -32.21 -3.29 -16.98
CA ILE C 179 -31.02 -2.57 -16.54
C ILE C 179 -31.34 -1.10 -16.33
N LYS C 180 -32.60 -0.76 -16.45
CA LYS C 180 -33.04 0.60 -16.15
C LYS C 180 -33.68 0.67 -14.76
N ASP C 181 -33.84 -0.50 -14.13
CA ASP C 181 -34.30 -0.55 -12.74
C ASP C 181 -33.21 -1.07 -11.80
N VAL C 182 -32.45 -0.15 -11.21
CA VAL C 182 -31.35 -0.49 -10.32
C VAL C 182 -31.71 -0.17 -8.88
N GLY C 183 -31.48 -1.09 -7.96
CA GLY C 183 -31.85 -0.83 -6.59
C GLY C 183 -30.72 -0.68 -5.58
N VAL C 184 -29.61 -0.09 -6.00
CA VAL C 184 -28.51 0.08 -5.07
C VAL C 184 -28.71 1.40 -4.32
N ASP C 185 -29.78 2.09 -4.73
CA ASP C 185 -30.14 3.44 -4.28
C ASP C 185 -31.26 3.54 -3.28
N ASN C 186 -32.11 2.51 -3.25
CA ASN C 186 -33.38 2.61 -2.54
C ASN C 186 -33.19 2.61 -1.01
N ALA C 187 -34.29 2.73 -0.30
CA ALA C 187 -34.32 2.88 1.16
C ALA C 187 -33.75 1.66 1.87
N GLY C 188 -34.04 0.48 1.33
CA GLY C 188 -33.51 -0.76 1.86
C GLY C 188 -32.00 -0.80 1.77
N ALA C 189 -31.48 -0.51 0.59
CA ALA C 189 -30.04 -0.37 0.40
C ALA C 189 -29.42 0.58 1.44
N LYS C 190 -30.00 1.77 1.60
CA LYS C 190 -29.40 2.78 2.50
C LYS C 190 -29.47 2.35 3.95
N ALA C 191 -30.56 1.69 4.35
CA ALA C 191 -30.67 1.24 5.74
C ALA C 191 -29.64 0.16 6.08
N GLY C 192 -29.48 -0.79 5.14
CA GLY C 192 -28.54 -1.89 5.32
C GLY C 192 -27.14 -1.37 5.49
N LEU C 193 -26.72 -0.49 4.58
CA LEU C 193 -25.39 0.11 4.62
C LEU C 193 -25.18 1.07 5.79
N THR C 194 -26.23 1.79 6.13
CA THR C 194 -26.16 2.74 7.24
C THR C 194 -25.88 1.98 8.54
N PHE C 195 -26.54 0.84 8.70
CA PHE C 195 -26.27 0.02 9.86
C PHE C 195 -24.82 -0.46 9.84
N LEU C 196 -24.29 -0.83 8.66
CA LEU C 196 -22.90 -1.29 8.60
C LEU C 196 -21.92 -0.15 8.96
N VAL C 197 -22.24 1.05 8.51
CA VAL C 197 -21.39 2.19 8.83
C VAL C 197 -21.47 2.51 10.34
N ASP C 198 -22.67 2.49 10.91
CA ASP C 198 -22.84 2.71 12.34
C ASP C 198 -22.04 1.71 13.16
N LEU C 199 -21.95 0.47 12.70
CA LEU C 199 -21.14 -0.55 13.36
C LEU C 199 -19.69 -0.08 13.46
N ILE C 200 -19.20 0.51 12.38
CA ILE C 200 -17.81 0.96 12.31
C ILE C 200 -17.63 2.23 13.12
N LYS C 201 -18.60 3.13 13.05
CA LYS C 201 -18.53 4.40 13.77
C LYS C 201 -18.40 4.16 15.25
N ASN C 202 -19.19 3.22 15.77
CA ASN C 202 -19.19 2.86 17.19
C ASN C 202 -18.10 1.84 17.57
N LYS C 203 -17.02 1.81 16.80
CA LYS C 203 -15.83 0.96 17.06
C LYS C 203 -16.13 -0.54 17.19
N HIS C 204 -17.20 -0.99 16.53
CA HIS C 204 -17.55 -2.41 16.59
C HIS C 204 -16.90 -3.13 15.40
N MET C 205 -16.49 -2.35 14.40
CA MET C 205 -15.77 -2.87 13.26
C MET C 205 -14.73 -1.86 12.76
N ASN C 206 -13.78 -2.32 11.96
CA ASN C 206 -12.82 -1.44 11.29
C ASN C 206 -12.97 -1.44 9.77
N ALA C 207 -13.07 -0.26 9.19
CA ALA C 207 -13.23 -0.18 7.74
C ALA C 207 -12.13 -0.89 6.96
N ASP C 208 -10.94 -0.93 7.53
CA ASP C 208 -9.79 -1.54 6.87
C ASP C 208 -9.86 -3.07 6.82
N THR C 209 -10.81 -3.69 7.53
CA THR C 209 -10.76 -5.13 7.73
C THR C 209 -10.95 -5.84 6.39
N ASP C 210 -10.10 -6.82 6.09
CA ASP C 210 -10.21 -7.54 4.83
C ASP C 210 -10.31 -9.07 5.01
N TYR C 211 -10.22 -9.81 3.92
CA TYR C 211 -10.45 -11.25 4.00
C TYR C 211 -9.46 -11.92 4.94
N SER C 212 -8.17 -11.65 4.78
CA SER C 212 -7.19 -12.40 5.54
C SER C 212 -7.07 -11.90 6.99
N ILE C 213 -7.40 -10.63 7.23
CA ILE C 213 -7.47 -10.09 8.59
C ILE C 213 -8.59 -10.76 9.37
N ALA C 214 -9.78 -10.78 8.79
CA ALA C 214 -10.93 -11.42 9.43
C ALA C 214 -10.67 -12.90 9.70
N GLU C 215 -10.03 -13.54 8.73
CA GLU C 215 -9.69 -14.95 8.84
C GLU C 215 -8.73 -15.18 9.99
N ALA C 216 -7.63 -14.43 10.03
CA ALA C 216 -6.66 -14.58 11.11
C ALA C 216 -7.30 -14.26 12.46
N ALA C 217 -8.19 -13.27 12.46
CA ALA C 217 -8.86 -12.88 13.68
C ALA C 217 -9.72 -14.02 14.20
N PHE C 218 -10.47 -14.65 13.30
CA PHE C 218 -11.39 -15.71 13.72
C PHE C 218 -10.64 -16.99 14.08
N ASN C 219 -9.69 -17.38 13.25
CA ASN C 219 -8.99 -18.63 13.49
C ASN C 219 -8.07 -18.59 14.71
N LYS C 220 -7.63 -17.38 15.11
CA LYS C 220 -6.83 -17.22 16.34
C LYS C 220 -7.75 -17.06 17.55
N GLY C 221 -9.05 -17.22 17.31
CA GLY C 221 -10.05 -17.15 18.38
C GLY C 221 -10.23 -15.78 19.02
N GLU C 222 -9.99 -14.71 18.26
CA GLU C 222 -10.02 -13.36 18.80
C GLU C 222 -11.33 -12.64 18.52
N THR C 223 -12.12 -13.15 17.59
CA THR C 223 -13.44 -12.59 17.32
C THR C 223 -14.47 -13.73 17.33
N ALA C 224 -15.70 -13.46 17.79
CA ALA C 224 -16.66 -14.55 18.04
C ALA C 224 -17.36 -15.01 16.78
N MET C 225 -17.37 -14.14 15.77
CA MET C 225 -18.11 -14.39 14.54
C MET C 225 -17.34 -13.88 13.31
N THR C 226 -17.55 -14.57 12.20
CA THR C 226 -17.09 -14.12 10.89
C THR C 226 -18.21 -14.40 9.89
N ILE C 227 -18.09 -13.86 8.68
CA ILE C 227 -19.03 -14.17 7.61
C ILE C 227 -18.23 -14.66 6.43
N ASN C 228 -18.50 -15.89 6.01
CA ASN C 228 -17.70 -16.48 4.96
C ASN C 228 -18.36 -17.65 4.24
N GLY C 229 -17.72 -18.11 3.16
CA GLY C 229 -18.21 -19.23 2.39
C GLY C 229 -17.51 -20.53 2.75
N PRO C 230 -18.01 -21.65 2.20
CA PRO C 230 -17.52 -23.00 2.51
C PRO C 230 -16.03 -23.15 2.27
N TRP C 231 -15.49 -22.40 1.31
CA TRP C 231 -14.07 -22.48 0.97
C TRP C 231 -13.23 -22.20 2.23
N ALA C 232 -13.71 -21.26 3.04
CA ALA C 232 -13.00 -20.83 4.22
C ALA C 232 -12.94 -21.91 5.31
N TRP C 233 -13.76 -22.95 5.20
CA TRP C 233 -13.90 -23.90 6.31
C TRP C 233 -12.63 -24.68 6.60
N SER C 234 -11.83 -24.95 5.58
CA SER C 234 -10.69 -25.82 5.76
C SER C 234 -9.62 -25.18 6.63
N ASN C 235 -9.47 -23.86 6.56
CA ASN C 235 -8.49 -23.21 7.42
C ASN C 235 -9.00 -23.18 8.85
N ILE C 236 -10.31 -23.00 9.05
CA ILE C 236 -10.84 -23.09 10.40
C ILE C 236 -10.63 -24.51 10.92
N ASP C 237 -10.74 -25.51 10.06
CA ASP C 237 -10.59 -26.90 10.47
C ASP C 237 -9.17 -27.21 10.99
N THR C 238 -8.15 -26.65 10.35
CA THR C 238 -6.77 -26.94 10.74
C THR C 238 -6.49 -26.26 12.08
N SER C 239 -6.76 -24.96 12.17
CA SER C 239 -7.12 -24.32 13.43
C SER C 239 -8.04 -25.27 14.18
N LYS C 240 -7.94 -25.44 15.49
CA LYS C 240 -9.01 -26.27 16.03
C LYS C 240 -9.95 -25.45 16.89
N VAL C 241 -10.37 -24.32 16.33
CA VAL C 241 -11.46 -23.51 16.85
C VAL C 241 -12.73 -24.33 16.78
N ASN C 242 -13.48 -24.38 17.87
CA ASN C 242 -14.74 -25.08 17.84
C ASN C 242 -15.79 -24.16 17.21
N TYR C 243 -16.14 -24.42 15.96
CA TYR C 243 -17.02 -23.49 15.25
C TYR C 243 -18.30 -24.14 14.73
N GLY C 244 -19.31 -23.30 14.58
CA GLY C 244 -20.55 -23.74 13.99
C GLY C 244 -20.85 -22.89 12.78
N VAL C 245 -21.68 -23.39 11.89
CA VAL C 245 -22.09 -22.63 10.72
C VAL C 245 -23.61 -22.54 10.74
N THR C 246 -24.14 -21.34 10.54
CA THR C 246 -25.57 -21.12 10.69
C THR C 246 -26.12 -19.97 9.87
N VAL C 247 -27.41 -19.71 10.07
CA VAL C 247 -28.14 -18.67 9.35
C VAL C 247 -27.55 -17.30 9.64
N LEU C 248 -27.53 -16.45 8.63
CA LEU C 248 -27.13 -15.06 8.77
C LEU C 248 -28.18 -14.32 9.61
N PRO C 249 -27.74 -13.36 10.45
CA PRO C 249 -28.71 -12.62 11.25
C PRO C 249 -29.69 -11.85 10.38
N THR C 250 -30.86 -11.58 10.93
CA THR C 250 -31.84 -10.80 10.23
C THR C 250 -31.55 -9.30 10.36
N PHE C 251 -32.09 -8.53 9.44
CA PHE C 251 -32.02 -7.08 9.58
C PHE C 251 -33.43 -6.53 9.46
N LYS C 252 -33.84 -5.78 10.48
CA LYS C 252 -35.17 -5.20 10.52
C LYS C 252 -36.19 -6.32 10.32
N GLY C 253 -35.89 -7.49 10.86
CA GLY C 253 -36.78 -8.62 10.75
C GLY C 253 -36.67 -9.39 9.44
N GLN C 254 -35.90 -8.87 8.48
CA GLN C 254 -35.67 -9.52 7.19
C GLN C 254 -34.47 -10.48 7.24
N PRO C 255 -34.57 -11.62 6.56
CA PRO C 255 -33.38 -12.46 6.48
C PRO C 255 -32.34 -11.69 5.70
N SER C 256 -31.07 -11.95 5.97
CA SER C 256 -30.03 -11.41 5.11
C SER C 256 -30.13 -12.15 3.77
N LYS C 257 -29.80 -11.48 2.67
CA LYS C 257 -30.02 -12.06 1.34
C LYS C 257 -28.72 -12.13 0.55
N PRO C 258 -27.85 -13.09 0.89
CA PRO C 258 -26.56 -13.16 0.16
C PRO C 258 -26.81 -13.37 -1.32
N PHE C 259 -25.94 -12.82 -2.14
CA PHE C 259 -25.96 -13.14 -3.55
C PHE C 259 -25.51 -14.58 -3.71
N VAL C 260 -26.35 -15.41 -4.32
CA VAL C 260 -25.96 -16.79 -4.53
C VAL C 260 -25.08 -16.92 -5.79
N GLY C 261 -23.91 -17.52 -5.62
CA GLY C 261 -23.04 -17.76 -6.75
C GLY C 261 -22.84 -19.22 -7.12
N VAL C 262 -23.09 -19.55 -8.38
CA VAL C 262 -22.88 -20.91 -8.88
C VAL C 262 -21.50 -21.01 -9.46
N LEU C 263 -20.59 -21.70 -8.76
CA LEU C 263 -19.25 -21.93 -9.31
C LEU C 263 -19.37 -22.77 -10.59
N SER C 264 -18.87 -22.23 -11.69
CA SER C 264 -19.10 -22.82 -13.01
C SER C 264 -17.80 -22.99 -13.78
N ALA C 265 -17.80 -23.99 -14.65
CA ALA C 265 -16.63 -24.28 -15.47
C ALA C 265 -16.96 -24.03 -16.94
N GLY C 266 -16.29 -23.03 -17.50
CA GLY C 266 -16.49 -22.65 -18.88
C GLY C 266 -15.34 -23.09 -19.75
N ILE C 267 -15.65 -23.44 -21.00
CA ILE C 267 -14.63 -23.81 -21.98
C ILE C 267 -14.31 -22.59 -22.85
N ASN C 268 -13.03 -22.21 -22.82
CA ASN C 268 -12.49 -21.13 -23.63
C ASN C 268 -12.91 -21.32 -25.08
N ALA C 269 -13.39 -20.23 -25.70
CA ALA C 269 -13.81 -20.24 -27.10
C ALA C 269 -12.64 -20.56 -28.05
N ALA C 270 -11.45 -20.06 -27.72
CA ALA C 270 -10.26 -20.23 -28.54
C ALA C 270 -9.56 -21.58 -28.37
N SER C 271 -10.13 -22.46 -27.54
CA SER C 271 -9.46 -23.71 -27.22
C SER C 271 -9.64 -24.76 -28.31
N PRO C 272 -8.56 -25.48 -28.64
CA PRO C 272 -8.55 -26.59 -29.58
C PRO C 272 -8.91 -27.92 -28.92
N ASN C 273 -9.18 -27.90 -27.61
CA ASN C 273 -9.44 -29.11 -26.83
C ASN C 273 -10.90 -29.20 -26.32
N LYS C 274 -11.84 -28.64 -27.07
CA LYS C 274 -13.21 -28.50 -26.55
C LYS C 274 -13.88 -29.82 -26.22
N GLU C 275 -13.45 -30.88 -26.89
CA GLU C 275 -14.00 -32.21 -26.65
C GLU C 275 -13.32 -32.86 -25.45
N LEU C 276 -12.02 -32.72 -25.34
CA LEU C 276 -11.33 -33.23 -24.17
C LEU C 276 -11.86 -32.54 -22.91
N ALA C 277 -12.19 -31.25 -23.01
CA ALA C 277 -12.68 -30.53 -21.83
C ALA C 277 -14.08 -31.02 -21.40
N LYS C 278 -14.97 -31.19 -22.37
CA LYS C 278 -16.28 -31.80 -22.13
C LYS C 278 -16.10 -33.15 -21.44
N GLU C 279 -15.18 -33.97 -21.94
CA GLU C 279 -14.98 -35.31 -21.38
C GLU C 279 -14.50 -35.27 -19.94
N PHE C 280 -13.50 -34.44 -19.66
CA PHE C 280 -13.05 -34.21 -18.31
C PHE C 280 -14.17 -33.69 -17.40
N LEU C 281 -14.83 -32.62 -17.82
CA LEU C 281 -15.84 -31.97 -16.99
C LEU C 281 -17.00 -32.93 -16.75
N GLU C 282 -17.47 -33.57 -17.82
CA GLU C 282 -18.63 -34.44 -17.71
C GLU C 282 -18.31 -35.81 -17.07
N ASN C 283 -17.18 -36.42 -17.41
CA ASN C 283 -16.97 -37.81 -17.01
C ASN C 283 -16.03 -37.95 -15.82
N TYR C 284 -15.32 -36.89 -15.45
CA TYR C 284 -14.44 -37.00 -14.31
C TYR C 284 -14.78 -36.02 -13.18
N LEU C 285 -14.89 -34.73 -13.49
CA LEU C 285 -15.10 -33.79 -12.41
C LEU C 285 -16.53 -33.90 -11.87
N LEU C 286 -17.50 -33.85 -12.77
CA LEU C 286 -18.88 -33.85 -12.35
C LEU C 286 -19.40 -35.26 -12.06
N THR C 287 -18.64 -35.99 -11.22
CA THR C 287 -18.99 -37.29 -10.65
C THR C 287 -18.84 -37.14 -9.15
N ASP C 288 -19.39 -38.08 -8.36
CA ASP C 288 -19.21 -38.03 -6.91
C ASP C 288 -17.72 -38.03 -6.55
N GLU C 289 -16.95 -38.90 -7.18
CA GLU C 289 -15.56 -39.08 -6.78
C GLU C 289 -14.76 -37.83 -7.15
N GLY C 290 -15.03 -37.27 -8.34
CA GLY C 290 -14.40 -36.05 -8.80
C GLY C 290 -14.68 -34.91 -7.83
N LEU C 291 -15.96 -34.67 -7.57
CA LEU C 291 -16.37 -33.59 -6.68
C LEU C 291 -15.84 -33.78 -5.28
N GLU C 292 -15.76 -35.04 -4.83
CA GLU C 292 -15.18 -35.35 -3.52
C GLU C 292 -13.67 -35.09 -3.41
N ALA C 293 -12.90 -35.35 -4.48
CA ALA C 293 -11.48 -35.05 -4.46
C ALA C 293 -11.30 -33.56 -4.26
N VAL C 294 -12.09 -32.76 -4.98
CA VAL C 294 -12.01 -31.31 -4.81
C VAL C 294 -12.46 -30.94 -3.41
N ASN C 295 -13.65 -31.41 -3.00
CA ASN C 295 -14.20 -31.11 -1.67
C ASN C 295 -13.26 -31.45 -0.53
N LYS C 296 -12.50 -32.54 -0.65
CA LYS C 296 -11.53 -32.97 0.37
C LYS C 296 -10.36 -31.99 0.52
N ASP C 297 -10.12 -31.21 -0.52
CA ASP C 297 -9.10 -30.17 -0.49
C ASP C 297 -9.65 -28.90 0.16
N LYS C 298 -10.67 -28.33 -0.46
CA LYS C 298 -11.38 -27.19 0.11
C LYS C 298 -12.86 -27.39 -0.18
N PRO C 299 -13.70 -27.33 0.88
CA PRO C 299 -15.11 -27.62 0.71
C PRO C 299 -15.77 -26.75 -0.37
N LEU C 300 -16.62 -27.37 -1.19
CA LEU C 300 -17.32 -26.64 -2.23
C LEU C 300 -18.62 -26.05 -1.72
N GLY C 301 -19.04 -26.52 -0.53
CA GLY C 301 -20.35 -26.21 -0.02
C GLY C 301 -21.35 -27.14 -0.67
N ALA C 302 -22.48 -26.60 -1.12
CA ALA C 302 -23.44 -27.42 -1.85
C ALA C 302 -23.01 -27.53 -3.31
N VAL C 303 -23.35 -28.64 -3.97
CA VAL C 303 -22.94 -28.84 -5.35
C VAL C 303 -24.15 -29.01 -6.28
N ALA C 304 -23.96 -28.72 -7.55
CA ALA C 304 -25.05 -28.81 -8.52
C ALA C 304 -25.39 -30.28 -8.85
N LEU C 305 -24.44 -31.18 -8.59
CA LEU C 305 -24.59 -32.59 -8.90
C LEU C 305 -25.39 -33.28 -7.79
N LYS C 306 -26.59 -33.72 -8.14
CA LYS C 306 -27.59 -34.20 -7.20
C LYS C 306 -27.07 -35.31 -6.32
N SER C 307 -26.47 -36.32 -6.95
CA SER C 307 -26.09 -37.54 -6.24
C SER C 307 -25.17 -37.20 -5.08
N TYR C 308 -24.31 -36.21 -5.28
CA TYR C 308 -23.37 -35.84 -4.26
C TYR C 308 -23.96 -34.81 -3.29
N GLU C 309 -24.83 -33.95 -3.80
CA GLU C 309 -25.49 -32.96 -2.96
C GLU C 309 -26.31 -33.63 -1.87
N GLU C 310 -26.93 -34.76 -2.22
CA GLU C 310 -27.75 -35.52 -1.30
C GLU C 310 -26.90 -36.08 -0.15
N GLU C 311 -25.65 -36.39 -0.45
CA GLU C 311 -24.73 -36.77 0.61
C GLU C 311 -24.30 -35.55 1.42
N LEU C 312 -23.89 -34.47 0.76
CA LEU C 312 -23.34 -33.30 1.44
C LEU C 312 -24.36 -32.56 2.33
N VAL C 313 -25.63 -32.51 1.91
CA VAL C 313 -26.61 -31.74 2.64
C VAL C 313 -26.91 -32.33 4.04
N LYS C 314 -26.41 -33.55 4.29
CA LYS C 314 -26.47 -34.16 5.63
C LYS C 314 -25.63 -33.38 6.64
N ASP C 315 -24.60 -32.74 6.14
CA ASP C 315 -23.73 -31.90 6.97
C ASP C 315 -24.47 -30.61 7.34
N PRO C 316 -24.63 -30.35 8.65
CA PRO C 316 -25.31 -29.14 9.09
C PRO C 316 -24.69 -27.85 8.51
N ARG C 317 -23.41 -27.90 8.13
CA ARG C 317 -22.81 -26.73 7.54
C ARG C 317 -23.40 -26.46 6.16
N ILE C 318 -23.61 -27.52 5.37
CA ILE C 318 -24.20 -27.36 4.03
C ILE C 318 -25.70 -27.11 4.11
N ALA C 319 -26.37 -27.74 5.06
CA ALA C 319 -27.78 -27.39 5.33
C ALA C 319 -27.88 -25.88 5.65
N ALA C 320 -27.00 -25.38 6.51
CA ALA C 320 -26.95 -23.94 6.75
C ALA C 320 -26.62 -23.18 5.45
N THR C 321 -25.63 -23.65 4.68
CA THR C 321 -25.33 -22.98 3.41
C THR C 321 -26.56 -22.95 2.47
N MET C 322 -27.29 -24.06 2.39
CA MET C 322 -28.43 -24.13 1.49
C MET C 322 -29.52 -23.20 1.97
N GLU C 323 -29.76 -23.19 3.27
CA GLU C 323 -30.79 -22.33 3.86
C GLU C 323 -30.49 -20.86 3.52
N ASN C 324 -29.25 -20.44 3.73
CA ASN C 324 -28.84 -19.06 3.42
C ASN C 324 -28.97 -18.79 1.92
N ALA C 325 -28.63 -19.79 1.12
CA ALA C 325 -28.76 -19.71 -0.32
C ALA C 325 -30.22 -19.47 -0.68
N GLN C 326 -31.11 -20.16 0.03
CA GLN C 326 -32.53 -20.10 -0.26
C GLN C 326 -33.14 -18.79 0.20
N LYS C 327 -32.50 -18.12 1.15
CA LYS C 327 -32.98 -16.82 1.63
C LYS C 327 -32.33 -15.70 0.88
N GLY C 328 -31.38 -16.03 0.02
CA GLY C 328 -30.72 -15.02 -0.80
C GLY C 328 -31.26 -14.98 -2.22
N GLU C 329 -30.56 -14.31 -3.11
CA GLU C 329 -30.95 -14.30 -4.51
C GLU C 329 -29.78 -14.72 -5.41
N ILE C 330 -30.08 -15.51 -6.43
CA ILE C 330 -29.07 -15.87 -7.42
C ILE C 330 -28.68 -14.63 -8.25
N MET C 331 -27.38 -14.37 -8.36
CA MET C 331 -26.87 -13.23 -9.11
C MET C 331 -27.33 -13.29 -10.57
N PRO C 332 -27.47 -12.13 -11.20
CA PRO C 332 -27.63 -12.12 -12.64
C PRO C 332 -26.30 -12.51 -13.28
N ASN C 333 -26.28 -12.83 -14.57
CA ASN C 333 -25.00 -13.06 -15.25
C ASN C 333 -24.77 -12.03 -16.37
N ILE C 334 -25.70 -11.10 -16.51
CA ILE C 334 -25.59 -10.03 -17.52
C ILE C 334 -24.24 -9.33 -17.46
N PRO C 335 -23.74 -8.86 -18.63
CA PRO C 335 -22.44 -8.20 -18.77
C PRO C 335 -22.23 -7.02 -17.83
N GLN C 336 -23.31 -6.33 -17.48
CA GLN C 336 -23.20 -5.15 -16.64
C GLN C 336 -22.76 -5.47 -15.20
N MET C 337 -22.81 -6.75 -14.83
CA MET C 337 -22.48 -7.16 -13.47
C MET C 337 -21.06 -6.72 -13.09
N SER C 338 -20.18 -6.62 -14.09
CA SER C 338 -18.82 -6.12 -13.84
C SER C 338 -18.87 -4.69 -13.33
N ALA C 339 -19.67 -3.88 -14.02
CA ALA C 339 -19.83 -2.47 -13.69
C ALA C 339 -20.51 -2.32 -12.34
N PHE C 340 -21.54 -3.14 -12.12
CA PHE C 340 -22.29 -3.13 -10.86
C PHE C 340 -21.33 -3.32 -9.70
N TRP C 341 -20.54 -4.37 -9.77
CA TRP C 341 -19.56 -4.69 -8.72
C TRP C 341 -18.55 -3.59 -8.44
N TYR C 342 -17.95 -3.01 -9.49
CA TYR C 342 -17.04 -1.89 -9.29
C TYR C 342 -17.73 -0.77 -8.52
N ALA C 343 -18.99 -0.54 -8.89
CA ALA C 343 -19.83 0.52 -8.33
C ALA C 343 -20.09 0.33 -6.84
N VAL C 344 -20.64 -0.83 -6.50
CA VAL C 344 -20.96 -1.14 -5.12
C VAL C 344 -19.67 -1.26 -4.27
N ARG C 345 -18.58 -1.75 -4.86
CA ARG C 345 -17.34 -1.87 -4.10
C ARG C 345 -16.90 -0.49 -3.62
N THR C 346 -16.96 0.50 -4.50
CA THR C 346 -16.57 1.88 -4.15
C THR C 346 -17.49 2.49 -3.09
N ALA C 347 -18.80 2.33 -3.29
CA ALA C 347 -19.79 2.84 -2.35
C ALA C 347 -19.54 2.31 -0.94
N VAL C 348 -19.39 0.99 -0.83
CA VAL C 348 -19.21 0.34 0.46
C VAL C 348 -17.90 0.79 1.12
N ILE C 349 -16.83 0.88 0.34
CA ILE C 349 -15.52 1.30 0.85
C ILE C 349 -15.51 2.77 1.25
N ASN C 350 -16.13 3.62 0.44
CA ASN C 350 -16.16 5.05 0.77
C ASN C 350 -17.07 5.34 1.99
N ALA C 351 -18.22 4.70 2.04
CA ALA C 351 -19.14 4.85 3.17
C ALA C 351 -18.49 4.30 4.45
N ALA C 352 -17.82 3.17 4.36
CA ALA C 352 -17.22 2.55 5.55
C ALA C 352 -16.01 3.31 6.02
N SER C 353 -15.33 3.97 5.08
CA SER C 353 -14.11 4.72 5.39
C SER C 353 -14.38 6.18 5.74
N GLY C 354 -15.59 6.64 5.49
CA GLY C 354 -15.92 8.02 5.80
C GLY C 354 -15.84 9.04 4.68
N ARG C 355 -15.24 8.68 3.54
CA ARG C 355 -15.03 9.67 2.49
C ARG C 355 -16.33 10.17 1.89
N GLN C 356 -17.41 9.41 2.10
CA GLN C 356 -18.73 9.80 1.62
C GLN C 356 -19.85 9.38 2.58
N THR C 357 -20.98 10.05 2.47
CA THR C 357 -22.20 9.66 3.13
C THR C 357 -22.70 8.38 2.48
N VAL C 358 -23.48 7.60 3.22
CA VAL C 358 -24.16 6.46 2.64
C VAL C 358 -25.04 6.96 1.50
N ASP C 359 -25.71 8.09 1.71
CA ASP C 359 -26.57 8.65 0.68
C ASP C 359 -25.72 9.07 -0.52
N GLU C 360 -24.54 9.63 -0.27
CA GLU C 360 -23.70 10.04 -1.40
C GLU C 360 -23.13 8.84 -2.15
N ALA C 361 -22.56 7.89 -1.41
CA ALA C 361 -21.88 6.74 -1.98
C ALA C 361 -22.83 5.83 -2.79
N LEU C 362 -24.05 5.65 -2.30
CA LEU C 362 -24.98 4.77 -2.99
C LEU C 362 -25.60 5.50 -4.18
N LYS C 363 -25.76 6.80 -4.04
CA LYS C 363 -26.13 7.66 -5.16
C LYS C 363 -25.17 7.47 -6.35
N ASP C 364 -23.87 7.52 -6.05
CA ASP C 364 -22.85 7.35 -7.08
C ASP C 364 -22.92 5.95 -7.67
N ALA C 365 -22.93 4.94 -6.80
CA ALA C 365 -22.98 3.54 -7.24
C ALA C 365 -24.22 3.29 -8.09
N GLN C 366 -25.28 4.00 -7.80
CA GLN C 366 -26.48 3.87 -8.60
C GLN C 366 -26.37 4.55 -9.95
N THR C 367 -25.67 5.68 -9.97
CA THR C 367 -25.39 6.40 -11.19
C THR C 367 -24.48 5.54 -12.07
N ASN C 368 -23.42 5.03 -11.47
CA ASN C 368 -22.47 4.16 -12.15
C ASN C 368 -23.09 2.83 -12.63
N SER C 369 -24.34 2.57 -12.29
CA SER C 369 -24.95 1.29 -12.63
C SER C 369 -26.15 1.32 -13.57
N SER C 370 -26.68 2.48 -13.91
CA SER C 370 -27.96 2.46 -14.61
C SER C 370 -27.86 2.50 -16.12
N SER C 371 -27.48 3.64 -16.68
CA SER C 371 -27.61 3.80 -18.13
C SER C 371 -26.51 3.05 -18.87
N LEU C 372 -26.46 1.75 -18.69
CA LEU C 372 -25.40 0.95 -19.29
C LEU C 372 -26.00 0.22 -20.49
N GLN C 373 -26.70 0.98 -21.33
CA GLN C 373 -27.51 0.38 -22.37
C GLN C 373 -26.65 -0.46 -23.35
N ASN C 374 -25.46 -0.03 -23.79
CA ASN C 374 -24.66 -1.01 -24.51
C ASN C 374 -23.28 -0.95 -23.87
N PHE C 375 -23.25 -1.24 -22.57
CA PHE C 375 -22.01 -1.49 -21.83
C PHE C 375 -21.18 -2.54 -22.57
N THR C 376 -19.87 -2.34 -22.62
CA THR C 376 -19.04 -3.17 -23.49
C THR C 376 -18.18 -4.24 -22.79
N LEU C 377 -17.49 -3.89 -21.70
CA LEU C 377 -16.60 -4.78 -20.90
C LEU C 377 -15.14 -4.63 -21.27
N ASP C 378 -14.77 -5.03 -22.47
CA ASP C 378 -13.40 -4.79 -22.95
C ASP C 378 -13.46 -3.91 -24.19
N ARG C 379 -13.55 -2.61 -23.96
CA ARG C 379 -13.62 -1.59 -25.01
C ARG C 379 -12.22 -1.20 -25.48
N SER C 380 -11.94 -1.43 -26.77
CA SER C 380 -10.61 -1.18 -27.29
C SER C 380 -10.35 0.27 -27.72
N SER C 381 -11.42 0.93 -28.17
CA SER C 381 -11.38 2.27 -28.75
C SER C 381 -10.30 2.41 -29.81
N VAL C 382 -10.10 1.32 -30.54
CA VAL C 382 -9.10 1.23 -31.59
C VAL C 382 -9.78 0.61 -32.78
N LEU C 383 -9.38 1.03 -33.99
CA LEU C 383 -9.79 0.32 -35.20
C LEU C 383 -8.55 -0.26 -35.85
N VAL C 384 -8.71 -1.43 -36.45
CA VAL C 384 -7.66 -2.08 -37.19
C VAL C 384 -8.19 -2.22 -38.60
N ASP C 385 -7.58 -1.48 -39.53
CA ASP C 385 -8.07 -1.40 -40.91
C ASP C 385 -9.59 -1.10 -41.00
N GLY C 386 -10.06 -0.18 -40.16
CA GLY C 386 -11.45 0.28 -40.17
C GLY C 386 -12.46 -0.60 -39.44
N TYR C 387 -11.97 -1.54 -38.63
CA TYR C 387 -12.87 -2.42 -37.88
C TYR C 387 -12.38 -2.68 -36.44
N SER C 388 -13.34 -2.87 -35.54
CA SER C 388 -13.03 -3.23 -34.17
C SER C 388 -12.38 -4.59 -34.09
N PRO C 389 -11.42 -4.77 -33.18
CA PRO C 389 -11.02 -6.15 -32.91
C PRO C 389 -12.13 -6.85 -32.10
N ASN C 390 -12.44 -8.08 -32.52
CA ASN C 390 -13.65 -8.79 -32.11
C ASN C 390 -14.89 -7.90 -32.27
N ASP D 1 31.08 -20.05 17.58
CA ASP D 1 32.32 -20.21 18.33
C ASP D 1 32.10 -20.79 19.73
N ILE D 2 30.85 -20.78 20.16
CA ILE D 2 30.46 -21.41 21.41
C ILE D 2 29.60 -22.61 21.10
N GLU D 3 30.00 -23.77 21.64
CA GLU D 3 29.24 -24.99 21.44
C GLU D 3 28.43 -25.32 22.68
N LEU D 4 27.24 -25.85 22.47
CA LEU D 4 26.36 -26.21 23.57
C LEU D 4 25.92 -27.65 23.44
N THR D 5 26.04 -28.39 24.53
CA THR D 5 25.49 -29.74 24.57
C THR D 5 24.27 -29.79 25.50
N GLN D 6 23.29 -30.61 25.17
CA GLN D 6 22.18 -30.82 26.06
C GLN D 6 22.03 -32.31 26.33
N SER D 7 22.00 -32.67 27.60
CA SER D 7 21.79 -34.05 28.00
C SER D 7 20.60 -34.14 28.96
N PRO D 8 19.75 -35.18 28.78
CA PRO D 8 19.78 -36.20 27.73
C PRO D 8 19.10 -35.69 26.45
N SER D 9 19.29 -36.36 25.32
CA SER D 9 18.73 -35.85 24.07
C SER D 9 17.23 -36.10 24.02
N SER D 10 16.79 -37.17 24.66
CA SER D 10 15.37 -37.42 24.82
C SER D 10 15.16 -38.09 26.17
N LEU D 11 13.90 -38.24 26.56
CA LEU D 11 13.55 -38.52 27.94
C LEU D 11 12.06 -38.81 28.07
N ALA D 12 11.73 -39.96 28.66
CA ALA D 12 10.35 -40.38 28.88
C ALA D 12 10.03 -40.56 30.37
N VAL D 13 9.05 -39.80 30.87
CA VAL D 13 8.69 -39.80 32.29
C VAL D 13 7.20 -40.05 32.49
N SER D 14 6.84 -40.58 33.65
CA SER D 14 5.44 -40.67 34.05
C SER D 14 5.04 -39.30 34.63
N ALA D 15 3.76 -38.96 34.61
CA ALA D 15 3.29 -37.70 35.21
C ALA D 15 3.70 -37.53 36.68
N GLY D 16 4.08 -36.33 37.06
CA GLY D 16 4.48 -36.13 38.44
C GLY D 16 5.96 -36.24 38.78
N GLU D 17 6.75 -36.91 37.94
CA GLU D 17 8.17 -37.05 38.23
C GLU D 17 8.83 -35.69 38.19
N ARG D 18 9.89 -35.54 38.98
CA ARG D 18 10.66 -34.33 38.94
C ARG D 18 11.67 -34.57 37.83
N VAL D 19 11.99 -33.52 37.06
CA VAL D 19 12.84 -33.67 35.87
C VAL D 19 13.96 -32.61 35.80
N THR D 20 15.19 -33.03 35.56
CA THR D 20 16.26 -32.04 35.35
C THR D 20 16.92 -32.23 34.01
N MET D 21 17.08 -31.11 33.30
CA MET D 21 17.68 -31.07 31.97
C MET D 21 18.97 -30.28 31.98
N ASN D 22 20.00 -30.81 31.33
CA ASN D 22 21.32 -30.21 31.42
C ASN D 22 21.63 -29.33 30.22
N CYS D 23 22.44 -28.31 30.44
CA CYS D 23 23.04 -27.59 29.31
C CYS D 23 24.47 -27.17 29.66
N LYS D 24 25.41 -27.55 28.78
CA LYS D 24 26.81 -27.23 29.02
C LYS D 24 27.40 -26.49 27.81
N SER D 25 28.22 -25.49 28.07
CA SER D 25 28.80 -24.68 26.99
C SER D 25 30.31 -24.76 26.96
N SER D 26 30.87 -24.57 25.77
CA SER D 26 32.30 -24.65 25.58
C SER D 26 33.03 -23.61 26.41
N GLN D 27 32.32 -22.58 26.85
CA GLN D 27 32.92 -21.53 27.68
C GLN D 27 31.91 -20.77 28.54
N SER D 28 32.41 -20.19 29.62
CA SER D 28 31.63 -19.36 30.52
C SER D 28 30.81 -18.28 29.81
N LEU D 29 29.56 -18.13 30.25
CA LEU D 29 28.66 -17.15 29.65
C LEU D 29 28.35 -15.94 30.53
N LEU D 30 29.22 -15.63 31.48
CA LEU D 30 28.89 -14.59 32.43
C LEU D 30 29.20 -13.19 31.85
N ASN D 31 28.22 -12.31 31.97
CA ASN D 31 28.34 -10.92 31.54
C ASN D 31 29.15 -10.17 32.59
N SER D 32 30.35 -9.77 32.23
CA SER D 32 31.23 -9.11 33.18
C SER D 32 30.65 -7.81 33.70
N ARG D 33 29.67 -7.24 32.99
CA ARG D 33 29.03 -6.00 33.43
C ARG D 33 27.77 -6.19 34.28
N THR D 34 26.82 -6.99 33.79
CA THR D 34 25.57 -7.21 34.52
C THR D 34 25.64 -8.38 35.53
N ARG D 35 26.72 -9.14 35.51
CA ARG D 35 26.83 -10.35 36.34
C ARG D 35 25.71 -11.36 36.09
N LYS D 36 24.99 -11.22 34.97
CA LYS D 36 23.99 -12.21 34.54
C LYS D 36 24.63 -13.31 33.69
N ASN D 37 24.12 -14.53 33.77
CA ASN D 37 24.62 -15.54 32.84
C ASN D 37 23.81 -15.54 31.54
N GLN D 38 24.51 -15.43 30.42
CA GLN D 38 23.88 -15.29 29.13
C GLN D 38 23.35 -16.62 28.60
N LEU D 39 22.35 -17.13 29.28
CA LEU D 39 21.73 -18.36 28.89
C LEU D 39 20.23 -18.21 29.08
N ALA D 40 19.46 -18.71 28.12
CA ALA D 40 18.02 -18.68 28.18
C ALA D 40 17.47 -20.08 27.85
N TRP D 41 16.25 -20.38 28.30
CA TRP D 41 15.59 -21.67 28.03
C TRP D 41 14.26 -21.52 27.27
N TYR D 42 14.01 -22.39 26.28
CA TYR D 42 12.82 -22.35 25.44
C TYR D 42 12.06 -23.67 25.39
N GLN D 43 10.75 -23.59 25.17
CA GLN D 43 9.90 -24.77 25.10
C GLN D 43 9.24 -24.79 23.74
N GLN D 44 9.45 -25.85 22.97
CA GLN D 44 8.67 -25.93 21.74
C GLN D 44 7.75 -27.11 21.81
N LYS D 45 6.46 -26.82 22.00
CA LYS D 45 5.43 -27.85 22.03
C LYS D 45 5.09 -28.23 20.60
N PRO D 46 4.69 -29.49 20.37
CA PRO D 46 4.43 -29.94 19.00
C PRO D 46 3.41 -29.08 18.28
N GLY D 47 3.74 -28.60 17.09
CA GLY D 47 2.83 -27.79 16.31
C GLY D 47 2.83 -26.31 16.62
N GLN D 48 3.73 -25.90 17.50
CA GLN D 48 3.78 -24.51 17.91
C GLN D 48 5.17 -23.93 17.78
N SER D 49 5.24 -22.60 17.87
CA SER D 49 6.50 -21.89 17.96
C SER D 49 7.10 -22.06 19.35
N PRO D 50 8.44 -22.00 19.47
CA PRO D 50 9.06 -21.98 20.80
C PRO D 50 8.54 -20.82 21.65
N GLU D 51 8.57 -20.97 22.98
CA GLU D 51 8.31 -19.85 23.88
C GLU D 51 9.38 -19.69 24.94
N LEU D 52 9.52 -18.47 25.42
CA LEU D 52 10.52 -18.18 26.43
C LEU D 52 10.10 -18.75 27.79
N LEU D 53 11.02 -19.48 28.44
CA LEU D 53 10.80 -19.98 29.80
C LEU D 53 11.64 -19.24 30.81
N ILE D 54 12.94 -19.26 30.57
CA ILE D 54 13.92 -18.75 31.50
C ILE D 54 14.86 -17.88 30.69
N TYR D 55 15.31 -16.77 31.28
CA TYR D 55 16.40 -16.01 30.68
C TYR D 55 17.29 -15.53 31.84
N TRP D 56 18.51 -15.10 31.55
CA TRP D 56 19.54 -14.86 32.57
C TRP D 56 19.74 -16.07 33.47
N ALA D 57 19.67 -17.27 32.88
CA ALA D 57 19.87 -18.58 33.53
C ALA D 57 18.79 -18.97 34.54
N SER D 58 18.36 -18.03 35.40
CA SER D 58 17.52 -18.37 36.55
C SER D 58 16.27 -17.49 36.71
N THR D 59 16.05 -16.56 35.79
CA THR D 59 14.86 -15.70 35.83
C THR D 59 13.73 -16.25 34.97
N ARG D 60 12.61 -16.52 35.62
CA ARG D 60 11.45 -17.04 34.93
C ARG D 60 10.72 -15.91 34.19
N GLN D 61 10.39 -16.14 32.93
CA GLN D 61 9.60 -15.18 32.17
C GLN D 61 8.19 -15.14 32.77
N SER D 62 7.55 -13.96 32.71
CA SER D 62 6.14 -13.78 33.07
C SER D 62 5.23 -14.80 32.40
N GLY D 63 4.34 -15.40 33.19
CA GLY D 63 3.39 -16.36 32.67
C GLY D 63 3.82 -17.79 32.81
N VAL D 64 5.10 -18.01 33.07
CA VAL D 64 5.62 -19.35 33.16
C VAL D 64 5.37 -19.92 34.56
N PRO D 65 4.73 -21.12 34.63
CA PRO D 65 4.41 -21.77 35.91
C PRO D 65 5.65 -22.04 36.73
N ASP D 66 5.53 -21.99 38.05
CA ASP D 66 6.72 -21.94 38.89
C ASP D 66 7.33 -23.32 39.10
N ARG D 67 6.72 -24.35 38.52
CA ARG D 67 7.35 -25.67 38.52
C ARG D 67 8.55 -25.68 37.59
N PHE D 68 8.59 -24.75 36.64
CA PHE D 68 9.76 -24.55 35.79
C PHE D 68 10.72 -23.68 36.55
N SER D 69 11.99 -24.05 36.51
CA SER D 69 12.99 -23.44 37.37
C SER D 69 14.34 -23.56 36.70
N GLY D 70 15.03 -22.44 36.51
CA GLY D 70 16.35 -22.47 35.90
C GLY D 70 17.44 -22.19 36.91
N SER D 71 18.54 -22.94 36.81
CA SER D 71 19.67 -22.77 37.75
C SER D 71 20.97 -22.97 36.99
N GLY D 72 22.07 -22.61 37.64
CA GLY D 72 23.36 -22.85 37.04
C GLY D 72 24.32 -21.67 37.01
N SER D 73 25.57 -22.00 36.73
CA SER D 73 26.66 -21.06 36.78
C SER D 73 27.78 -21.62 35.93
N GLY D 74 28.70 -20.74 35.55
CA GLY D 74 29.91 -21.12 34.84
C GLY D 74 29.61 -21.57 33.43
N THR D 75 29.77 -22.87 33.19
CA THR D 75 29.47 -23.50 31.92
C THR D 75 28.35 -24.51 32.06
N ASP D 76 27.82 -24.65 33.28
CA ASP D 76 26.87 -25.73 33.61
C ASP D 76 25.49 -25.24 34.03
N PHE D 77 24.48 -25.54 33.23
CA PHE D 77 23.13 -25.05 33.42
C PHE D 77 22.09 -26.15 33.41
N THR D 78 21.03 -25.94 34.16
CA THR D 78 19.99 -26.93 34.38
C THR D 78 18.60 -26.28 34.31
N LEU D 79 17.68 -26.93 33.62
CA LEU D 79 16.27 -26.56 33.75
C LEU D 79 15.53 -27.69 34.48
N THR D 80 14.85 -27.34 35.57
CA THR D 80 14.18 -28.33 36.38
C THR D 80 12.68 -28.12 36.33
N ILE D 81 11.97 -29.20 36.04
CA ILE D 81 10.55 -29.24 36.23
C ILE D 81 10.32 -30.04 37.51
N SER D 82 9.95 -29.34 38.58
CA SER D 82 9.56 -30.04 39.79
C SER D 82 8.18 -30.62 39.55
N SER D 83 8.08 -31.92 39.36
CA SER D 83 6.79 -32.59 39.09
C SER D 83 6.20 -32.21 37.73
N VAL D 84 6.50 -33.00 36.70
CA VAL D 84 6.10 -32.75 35.32
C VAL D 84 4.59 -32.93 35.11
N GLN D 85 4.06 -32.30 34.07
CA GLN D 85 2.65 -32.40 33.73
C GLN D 85 2.43 -32.71 32.26
N ALA D 86 1.20 -33.10 31.91
CA ALA D 86 0.86 -33.55 30.55
C ALA D 86 1.14 -32.48 29.48
N GLU D 87 0.91 -31.23 29.85
CA GLU D 87 1.08 -30.12 28.92
C GLU D 87 2.56 -29.78 28.69
N ASP D 88 3.48 -30.55 29.28
CA ASP D 88 4.91 -30.24 29.17
C ASP D 88 5.63 -31.05 28.12
N VAL D 89 4.90 -31.93 27.45
CA VAL D 89 5.49 -32.62 26.32
C VAL D 89 5.96 -31.56 25.31
N ALA D 90 7.27 -31.53 25.09
CA ALA D 90 7.90 -30.54 24.25
C ALA D 90 9.38 -30.84 24.06
N VAL D 91 9.99 -30.19 23.07
CA VAL D 91 11.44 -30.12 23.03
C VAL D 91 11.86 -28.84 23.75
N TYR D 92 12.88 -28.96 24.61
CA TYR D 92 13.39 -27.85 25.41
C TYR D 92 14.78 -27.43 24.94
N TYR D 93 14.95 -26.15 24.64
CA TYR D 93 16.23 -25.64 24.13
C TYR D 93 16.89 -24.65 25.07
N CYS D 94 18.15 -24.89 25.42
CA CYS D 94 18.96 -23.79 25.96
C CYS D 94 19.44 -22.93 24.80
N GLN D 95 19.61 -21.65 25.05
CA GLN D 95 20.20 -20.76 24.07
C GLN D 95 21.21 -19.83 24.72
N GLN D 96 22.43 -19.74 24.18
CA GLN D 96 23.45 -18.80 24.70
C GLN D 96 23.40 -17.48 23.94
N SER D 97 23.78 -16.42 24.63
CA SER D 97 23.76 -15.07 24.10
C SER D 97 25.02 -14.31 24.51
N TYR D 98 26.04 -15.06 24.87
CA TYR D 98 27.30 -14.47 25.30
C TYR D 98 28.13 -13.96 24.12
N ASN D 99 28.10 -14.71 23.02
CA ASN D 99 28.79 -14.34 21.80
C ASN D 99 27.87 -14.69 20.66
N LEU D 100 27.22 -13.68 20.09
CA LEU D 100 26.14 -13.88 19.12
C LEU D 100 25.06 -14.75 19.71
N LEU D 101 24.54 -15.70 18.95
CA LEU D 101 23.47 -16.56 19.46
C LEU D 101 23.67 -17.98 18.97
N THR D 102 23.54 -18.92 19.89
CA THR D 102 23.55 -20.35 19.55
C THR D 102 22.49 -21.10 20.36
N PHE D 103 21.68 -21.89 19.68
CA PHE D 103 20.77 -22.78 20.38
C PHE D 103 21.45 -24.09 20.65
N GLY D 104 21.10 -24.69 21.78
CA GLY D 104 21.56 -26.03 22.05
C GLY D 104 20.81 -26.99 21.15
N PRO D 105 21.19 -28.26 21.20
CA PRO D 105 20.63 -29.29 20.33
C PRO D 105 19.25 -29.80 20.79
N GLY D 106 18.87 -29.53 22.04
CA GLY D 106 17.54 -29.85 22.53
C GLY D 106 17.34 -31.15 23.30
N THR D 107 16.35 -31.12 24.20
CA THR D 107 15.96 -32.30 24.96
C THR D 107 14.50 -32.63 24.72
N LYS D 108 14.22 -33.73 24.03
CA LYS D 108 12.84 -34.11 23.78
C LYS D 108 12.29 -34.78 25.01
N LEU D 109 11.23 -34.21 25.58
CA LEU D 109 10.63 -34.73 26.81
C LEU D 109 9.27 -35.30 26.51
N GLU D 110 9.11 -36.59 26.78
CA GLU D 110 7.82 -37.25 26.57
C GLU D 110 7.21 -37.72 27.90
N ILE D 111 5.89 -37.89 27.90
CA ILE D 111 5.17 -38.38 29.07
C ILE D 111 4.60 -39.73 28.72
N LYS D 112 4.77 -40.69 29.61
CA LYS D 112 4.07 -41.95 29.50
C LYS D 112 3.17 -42.05 30.72
N ARG D 113 2.03 -42.72 30.61
CA ARG D 113 1.19 -42.88 31.79
C ARG D 113 1.93 -43.61 32.90
N GLU D 139 -1.49 -8.30 23.16
CA GLU D 139 -1.80 -7.93 21.78
C GLU D 139 -0.55 -7.94 20.89
N VAL D 140 0.57 -8.37 21.46
CA VAL D 140 1.83 -8.49 20.71
C VAL D 140 1.58 -9.56 19.64
N LYS D 141 1.62 -9.24 18.34
CA LYS D 141 1.32 -10.27 17.34
C LYS D 141 2.50 -10.24 16.37
N LEU D 142 2.85 -11.39 15.80
CA LEU D 142 3.89 -11.47 14.76
C LEU D 142 3.45 -12.51 13.72
N GLN D 143 3.22 -12.09 12.48
CA GLN D 143 2.78 -13.04 11.45
C GLN D 143 3.76 -13.09 10.29
N GLU D 144 4.30 -14.28 10.04
CA GLU D 144 5.21 -14.45 8.92
C GLU D 144 4.38 -14.64 7.68
N SER D 145 5.05 -14.56 6.53
CA SER D 145 4.44 -14.81 5.24
C SER D 145 5.59 -14.96 4.25
N GLY D 146 5.38 -15.70 3.19
CA GLY D 146 6.33 -15.67 2.10
C GLY D 146 7.28 -16.84 2.00
N GLY D 147 6.91 -17.98 2.57
CA GLY D 147 7.72 -19.17 2.39
C GLY D 147 7.24 -19.94 1.19
N GLY D 148 8.05 -20.89 0.73
CA GLY D 148 7.66 -21.72 -0.39
C GLY D 148 8.76 -22.65 -0.87
N PHE D 149 8.57 -23.20 -2.07
CA PHE D 149 9.55 -24.12 -2.68
C PHE D 149 10.50 -23.35 -3.55
N VAL D 150 11.74 -23.80 -3.68
CA VAL D 150 12.59 -23.19 -4.69
C VAL D 150 13.53 -24.33 -5.14
N LYS D 151 14.15 -24.23 -6.33
CA LYS D 151 15.21 -25.18 -6.76
C LYS D 151 16.51 -24.80 -6.02
N PRO D 152 17.44 -25.76 -5.82
CA PRO D 152 18.70 -25.26 -5.24
C PRO D 152 19.31 -24.08 -6.02
N GLY D 153 19.88 -23.11 -5.31
CA GLY D 153 20.41 -21.88 -5.89
C GLY D 153 19.41 -20.75 -6.19
N GLY D 154 18.15 -20.95 -5.79
CA GLY D 154 17.09 -19.97 -6.04
C GLY D 154 16.89 -18.95 -4.93
N SER D 155 15.76 -18.26 -4.93
CA SER D 155 15.54 -17.17 -3.98
C SER D 155 14.16 -17.09 -3.39
N LEU D 156 14.13 -16.57 -2.17
CA LEU D 156 12.92 -16.15 -1.48
C LEU D 156 13.13 -15.17 -0.35
N ARG D 157 12.10 -14.35 -0.18
CA ARG D 157 12.06 -13.33 0.84
C ARG D 157 10.86 -13.56 1.76
N VAL D 158 11.19 -13.96 2.99
CA VAL D 158 10.26 -14.12 4.07
C VAL D 158 9.99 -12.78 4.75
N SER D 159 8.76 -12.55 5.21
CA SER D 159 8.41 -11.33 5.93
C SER D 159 7.70 -11.66 7.22
N CYS D 160 7.59 -10.66 8.07
CA CYS D 160 6.97 -10.82 9.36
C CYS D 160 6.37 -9.48 9.73
N ALA D 161 5.06 -9.43 9.88
CA ALA D 161 4.39 -8.18 10.19
C ALA D 161 4.14 -8.12 11.69
N ALA D 162 4.48 -6.99 12.30
CA ALA D 162 4.43 -6.87 13.75
C ALA D 162 3.32 -5.93 14.17
N SER D 163 2.66 -6.26 15.27
CA SER D 163 1.62 -5.40 15.84
C SER D 163 1.55 -5.59 17.34
N GLY D 164 1.05 -4.58 18.06
CA GLY D 164 0.78 -4.69 19.48
C GLY D 164 1.89 -4.22 20.37
N PHE D 165 2.88 -3.54 19.78
CA PHE D 165 4.01 -3.01 20.54
C PHE D 165 4.83 -2.00 19.71
N THR D 166 5.67 -1.20 20.37
CA THR D 166 6.47 -0.23 19.62
C THR D 166 7.64 -0.93 18.93
N PHE D 167 7.36 -1.42 17.71
CA PHE D 167 8.32 -2.22 16.93
C PHE D 167 9.66 -1.51 16.76
N SER D 168 9.60 -0.18 16.64
CA SER D 168 10.78 0.68 16.50
C SER D 168 11.80 0.49 17.62
N SER D 169 11.34 -0.04 18.77
CA SER D 169 12.14 -0.08 19.99
C SER D 169 12.82 -1.43 20.20
N TYR D 170 12.52 -2.38 19.31
CA TYR D 170 12.99 -3.76 19.50
C TYR D 170 13.91 -4.33 18.40
N ALA D 171 14.98 -5.00 18.83
CA ALA D 171 15.77 -5.83 17.92
C ALA D 171 14.96 -7.08 17.58
N MET D 172 15.07 -7.54 16.33
CA MET D 172 14.34 -8.70 15.90
C MET D 172 15.29 -9.75 15.37
N SER D 173 14.90 -11.01 15.46
CA SER D 173 15.75 -12.08 14.98
C SER D 173 14.99 -13.10 14.12
N TRP D 174 15.73 -13.72 13.20
CA TRP D 174 15.21 -14.88 12.48
C TRP D 174 15.84 -16.15 13.05
N VAL D 175 14.99 -17.11 13.38
CA VAL D 175 15.37 -18.44 13.84
C VAL D 175 14.62 -19.43 12.98
N ARG D 176 15.29 -20.52 12.62
CA ARG D 176 14.66 -21.52 11.78
C ARG D 176 14.72 -22.88 12.46
N LEU D 177 13.71 -23.72 12.18
CA LEU D 177 13.68 -25.08 12.70
C LEU D 177 13.81 -26.10 11.57
N ALA D 178 14.96 -26.77 11.53
CA ALA D 178 15.26 -27.81 10.53
C ALA D 178 14.87 -29.23 11.00
N PRO D 179 14.44 -30.09 10.06
CA PRO D 179 13.78 -31.40 10.28
C PRO D 179 14.29 -32.23 11.46
N GLU D 180 15.59 -32.20 11.74
CA GLU D 180 16.11 -33.05 12.80
C GLU D 180 16.23 -32.30 14.13
N MET D 181 15.10 -31.76 14.62
CA MET D 181 15.03 -31.08 15.92
C MET D 181 16.12 -29.97 16.00
N ARG D 182 16.39 -29.33 14.87
CA ARG D 182 17.48 -28.36 14.80
C ARG D 182 16.99 -26.91 14.82
N LEU D 183 16.99 -26.30 16.00
CA LEU D 183 16.67 -24.87 16.12
C LEU D 183 17.95 -24.06 15.90
N GLU D 184 17.94 -23.24 14.84
CA GLU D 184 19.09 -22.43 14.47
C GLU D 184 18.79 -20.94 14.41
N TRP D 185 19.62 -20.15 15.07
CA TRP D 185 19.65 -18.71 14.87
C TRP D 185 20.12 -18.44 13.45
N VAL D 186 19.50 -17.47 12.79
CA VAL D 186 19.87 -17.12 11.43
C VAL D 186 20.46 -15.70 11.37
N ALA D 187 19.68 -14.74 11.83
CA ALA D 187 20.15 -13.37 11.85
C ALA D 187 19.42 -12.55 12.89
N THR D 188 20.06 -11.47 13.32
CA THR D 188 19.45 -10.51 14.22
C THR D 188 19.71 -9.11 13.67
N ILE D 189 18.71 -8.24 13.75
CA ILE D 189 18.87 -6.86 13.33
C ILE D 189 18.42 -5.95 14.47
N SER D 190 19.24 -4.96 14.79
CA SER D 190 18.99 -4.04 15.90
C SER D 190 17.73 -3.21 15.69
N SER D 191 17.25 -2.54 16.72
CA SER D 191 15.95 -1.88 16.63
C SER D 191 15.97 -0.77 15.56
N ALA D 192 17.13 -0.16 15.36
CA ALA D 192 17.25 0.84 14.32
C ALA D 192 18.09 0.38 13.13
N GLY D 193 18.50 -0.88 13.09
CA GLY D 193 19.10 -1.42 11.89
C GLY D 193 20.62 -1.27 11.73
N GLY D 194 21.23 -0.53 12.64
CA GLY D 194 22.66 -0.27 12.56
C GLY D 194 23.50 -1.50 12.79
N TYR D 195 22.99 -2.41 13.62
CA TYR D 195 23.74 -3.60 13.99
C TYR D 195 23.04 -4.85 13.50
N ILE D 196 23.72 -5.57 12.60
CA ILE D 196 23.16 -6.76 11.96
C ILE D 196 24.13 -7.92 12.13
N PHE D 197 23.63 -9.12 12.39
CA PHE D 197 24.51 -10.28 12.54
C PHE D 197 23.90 -11.53 11.92
N TYR D 198 24.72 -12.30 11.22
CA TYR D 198 24.27 -13.55 10.58
C TYR D 198 25.00 -14.75 11.11
N SER D 199 24.28 -15.86 11.21
CA SER D 199 24.89 -17.16 11.39
C SER D 199 25.83 -17.43 10.23
N ASP D 200 26.94 -18.09 10.51
CA ASP D 200 27.86 -18.62 9.47
C ASP D 200 27.10 -19.31 8.37
N SER D 201 26.07 -20.06 8.76
CA SER D 201 25.42 -20.96 7.84
C SER D 201 24.77 -20.21 6.68
N VAL D 202 24.50 -18.93 6.88
CA VAL D 202 23.74 -18.11 5.94
C VAL D 202 24.46 -16.80 5.56
N GLN D 203 25.63 -16.54 6.15
CA GLN D 203 26.33 -15.29 5.92
C GLN D 203 26.68 -15.06 4.44
N GLY D 204 26.34 -13.87 3.94
CA GLY D 204 26.51 -13.58 2.53
C GLY D 204 25.28 -13.88 1.70
N ARG D 205 24.68 -15.03 1.94
CA ARG D 205 23.56 -15.49 1.12
C ARG D 205 22.25 -14.88 1.57
N PHE D 206 22.16 -14.53 2.85
CA PHE D 206 20.90 -14.03 3.39
C PHE D 206 21.08 -12.56 3.75
N THR D 207 19.99 -11.82 3.74
CA THR D 207 20.03 -10.41 4.13
C THR D 207 18.82 -10.07 4.98
N ILE D 208 19.05 -9.60 6.21
CA ILE D 208 17.95 -9.27 7.10
C ILE D 208 17.75 -7.75 7.03
N SER D 209 16.51 -7.32 6.85
CA SER D 209 16.21 -5.90 6.74
C SER D 209 14.96 -5.63 7.54
N ARG D 210 14.76 -4.38 7.91
CA ARG D 210 13.51 -4.01 8.54
C ARG D 210 13.02 -2.68 8.02
N ASP D 211 11.72 -2.46 8.18
CA ASP D 211 11.06 -1.23 7.78
C ASP D 211 10.25 -0.74 8.96
N ASN D 212 10.85 0.12 9.77
CA ASN D 212 10.19 0.61 10.98
C ASN D 212 8.93 1.41 10.68
N ALA D 213 8.83 1.92 9.45
CA ALA D 213 7.67 2.71 9.03
C ALA D 213 6.44 1.83 8.77
N LYS D 214 6.65 0.69 8.12
CA LYS D 214 5.56 -0.26 7.82
C LYS D 214 5.44 -1.39 8.87
N ASN D 215 6.17 -1.28 9.98
CA ASN D 215 6.21 -2.30 11.05
C ASN D 215 6.50 -3.70 10.50
N SER D 216 7.65 -3.86 9.87
CA SER D 216 7.91 -5.04 9.06
C SER D 216 9.37 -5.53 9.14
N LEU D 217 9.55 -6.85 9.12
CA LEU D 217 10.86 -7.46 9.12
C LEU D 217 10.96 -8.46 7.96
N HIS D 218 12.12 -8.52 7.31
CA HIS D 218 12.32 -9.35 6.13
C HIS D 218 13.62 -10.15 6.15
N LEU D 219 13.59 -11.31 5.50
CA LEU D 219 14.80 -12.08 5.28
C LEU D 219 14.86 -12.49 3.82
N GLN D 220 15.71 -11.82 3.07
CA GLN D 220 15.97 -12.17 1.67
C GLN D 220 16.91 -13.37 1.65
N MET D 221 16.44 -14.46 1.06
CA MET D 221 17.21 -15.69 1.06
C MET D 221 17.62 -16.04 -0.36
N GLY D 222 18.91 -15.92 -0.66
CA GLY D 222 19.43 -16.28 -1.95
C GLY D 222 20.49 -17.37 -1.87
N SER D 223 20.87 -17.89 -3.04
CA SER D 223 21.82 -18.98 -3.16
C SER D 223 21.47 -20.10 -2.17
N LEU D 224 20.18 -20.47 -2.17
CA LEU D 224 19.62 -21.44 -1.23
C LEU D 224 20.22 -22.84 -1.33
N ARG D 225 20.65 -23.39 -0.18
CA ARG D 225 21.10 -24.77 -0.09
C ARG D 225 19.87 -25.61 0.28
N SER D 226 19.92 -26.92 0.08
CA SER D 226 18.75 -27.72 0.43
C SER D 226 18.70 -27.91 1.95
N GLY D 227 19.85 -27.73 2.57
CA GLY D 227 19.94 -27.69 4.03
C GLY D 227 19.31 -26.46 4.65
N ASP D 228 18.96 -25.48 3.82
CA ASP D 228 18.26 -24.28 4.28
C ASP D 228 16.76 -24.51 4.42
N THR D 229 16.34 -25.75 4.16
CA THR D 229 14.94 -26.11 4.26
C THR D 229 14.55 -26.18 5.74
N ALA D 230 13.53 -25.42 6.11
CA ALA D 230 13.14 -25.24 7.50
C ALA D 230 11.84 -24.45 7.63
N MET D 231 11.27 -24.44 8.84
CA MET D 231 10.27 -23.44 9.20
C MET D 231 11.04 -22.25 9.75
N TYR D 232 10.70 -21.05 9.28
CA TYR D 232 11.44 -19.84 9.66
C TYR D 232 10.58 -18.98 10.60
N TYR D 233 11.11 -18.64 11.78
CA TYR D 233 10.36 -17.82 12.75
C TYR D 233 10.96 -16.43 12.85
N CYS D 234 10.10 -15.43 12.92
CA CYS D 234 10.53 -14.13 13.39
C CYS D 234 10.26 -14.08 14.90
N ALA D 235 11.19 -13.46 15.62
CA ALA D 235 11.13 -13.43 17.07
C ALA D 235 11.60 -12.08 17.57
N ARG D 236 10.91 -11.57 18.59
CA ARG D 236 11.24 -10.29 19.17
C ARG D 236 12.23 -10.49 20.34
N GLN D 237 13.33 -9.76 20.32
CA GLN D 237 14.28 -9.76 21.43
C GLN D 237 13.74 -8.88 22.57
N GLY D 238 13.56 -9.48 23.73
CA GLY D 238 12.90 -8.83 24.84
C GLY D 238 13.84 -8.00 25.66
N PHE D 239 13.29 -6.98 26.32
CA PHE D 239 14.03 -6.20 27.31
C PHE D 239 13.06 -5.59 28.30
N GLY D 240 13.59 -5.05 29.40
CA GLY D 240 12.76 -4.45 30.44
C GLY D 240 13.55 -3.47 31.28
N ASN D 241 12.97 -3.03 32.40
CA ASN D 241 13.58 -1.99 33.24
C ASN D 241 14.90 -2.42 33.84
N TYR D 242 15.15 -3.72 33.87
CA TYR D 242 16.36 -4.26 34.49
C TYR D 242 17.45 -4.55 33.48
N GLY D 243 17.17 -4.29 32.21
CA GLY D 243 18.15 -4.57 31.17
C GLY D 243 17.63 -5.50 30.09
N ASP D 244 18.47 -5.77 29.11
CA ASP D 244 18.07 -6.62 28.01
C ASP D 244 17.93 -8.10 28.48
N TYR D 245 16.89 -8.78 28.01
CA TYR D 245 16.66 -10.19 28.33
C TYR D 245 17.71 -11.09 27.68
N TYR D 246 18.31 -10.59 26.59
CA TYR D 246 19.12 -11.39 25.66
C TYR D 246 18.42 -12.72 25.39
N ALA D 247 17.13 -12.62 25.13
CA ALA D 247 16.26 -13.77 24.87
C ALA D 247 15.06 -13.32 24.02
N MET D 248 14.45 -14.27 23.32
CA MET D 248 13.32 -13.94 22.46
C MET D 248 12.01 -14.28 23.13
N ASP D 249 11.23 -13.24 23.45
CA ASP D 249 10.03 -13.42 24.28
C ASP D 249 8.70 -13.53 23.52
N TYR D 250 8.67 -13.22 22.22
CA TYR D 250 7.48 -13.51 21.37
C TYR D 250 7.91 -14.06 20.02
N TRP D 251 7.22 -15.07 19.54
CA TRP D 251 7.57 -15.68 18.25
C TRP D 251 6.34 -15.73 17.37
N GLY D 252 6.52 -15.55 16.08
CA GLY D 252 5.45 -15.82 15.13
C GLY D 252 5.31 -17.31 14.86
N GLN D 253 4.29 -17.69 14.09
CA GLN D 253 4.21 -19.06 13.58
C GLN D 253 5.15 -19.22 12.38
N GLY D 254 5.79 -20.36 12.25
CA GLY D 254 6.79 -20.48 11.20
C GLY D 254 6.26 -20.56 9.77
N THR D 255 6.69 -19.62 8.93
CA THR D 255 6.49 -19.77 7.50
C THR D 255 7.48 -20.82 6.97
N THR D 256 7.08 -21.60 5.97
CA THR D 256 7.92 -22.74 5.57
C THR D 256 8.66 -22.56 4.24
N VAL D 257 9.92 -22.96 4.24
CA VAL D 257 10.81 -22.79 3.10
C VAL D 257 11.36 -24.15 2.73
N THR D 258 11.04 -24.63 1.53
CA THR D 258 11.55 -25.92 1.09
C THR D 258 12.44 -25.84 -0.17
N VAL D 259 13.68 -26.29 -0.07
CA VAL D 259 14.56 -26.29 -1.23
C VAL D 259 14.70 -27.72 -1.77
N SER D 260 13.91 -28.02 -2.81
CA SER D 260 13.78 -29.40 -3.33
C SER D 260 14.54 -29.72 -4.63
N SER D 261 15.61 -30.52 -4.52
CA SER D 261 16.26 -31.07 -5.72
C SER D 261 15.32 -31.99 -6.51
#